data_6FDC
#
_entry.id   6FDC
#
_cell.length_a   64.692
_cell.length_b   98.608
_cell.length_c   120.165
_cell.angle_alpha   90.00
_cell.angle_beta   90.00
_cell.angle_gamma   90.00
#
_symmetry.space_group_name_H-M   'P 21 21 21'
#
loop_
_entity.id
_entity.type
_entity.pdbx_description
1 polymer "cAMP-specific 3',5'-cyclic phosphodiesterase 4D"
2 non-polymer 'ZINC ION'
3 non-polymer 'MAGNESIUM ION'
4 non-polymer 1,2-ETHANEDIOL
5 non-polymer (2~{R})-1-[3-[4-[bis(fluoranyl)methoxy]-3-cyclopentyloxy-phenyl]pyrazol-1-yl]-3-morpholin-4-yl-propan-2-ol
6 non-polymer (2~{S})-1-[5-[4-[bis(fluoranyl)methoxy]-3-cyclopentyloxy-phenyl]pyrazol-1-yl]-3-morpholin-4-yl-propan-2-ol
7 water water
#
_entity_poly.entity_id   1
_entity_poly.type   'polypeptide(L)'
_entity_poly.pdbx_seq_one_letter_code
;MSIPRFGVKTEQEDVLAKELEDVNKWGLHVFRIAELSGNRPLTVIMHTIFQERDLLKTFKIPVDTLITYLMTLEDHYHAD
VAYHNNIHAADVVQSTHVLLSTPALEAVFTDLEILAAIFASAIHDVDHPGVSNQFLINTNSELALMYNDSSVLENHHLAV
GFKLLQEENCDIFQNLTKKQRQSLRKMVIDIVLATDMSKHMNLLADLKTMVETKKVTSSGVLLLDNYSDRIQVLQNMVHC
ADLSNPTKPLQLYRQWTDRIMEEFFRQGDRERERGMEISPMCDKHNASVEKSQVGFIDYIVHPLWETWADLVHPDAQDIL
DTLEDNREWYQSTIPQAHHHHHH
;
_entity_poly.pdbx_strand_id   A,B
#
loop_
_chem_comp.id
_chem_comp.type
_chem_comp.name
_chem_comp.formula
D5N non-polymer (2~{S})-1-[5-[4-[bis(fluoranyl)methoxy]-3-cyclopentyloxy-phenyl]pyrazol-1-yl]-3-morpholin-4-yl-propan-2-ol 'C22 H29 F2 N3 O4'
DD5 non-polymer (2~{R})-1-[3-[4-[bis(fluoranyl)methoxy]-3-cyclopentyloxy-phenyl]pyrazol-1-yl]-3-morpholin-4-yl-propan-2-ol 'C22 H29 F2 N3 O4'
EDO non-polymer 1,2-ETHANEDIOL 'C2 H6 O2'
MG non-polymer 'MAGNESIUM ION' 'Mg 2'
ZN non-polymer 'ZINC ION' 'Zn 2'
#
# COMPACT_ATOMS: atom_id res chain seq x y z
N GLY A 7 26.69 19.29 23.31
CA GLY A 7 26.16 18.47 24.39
C GLY A 7 24.72 18.05 24.13
N VAL A 8 23.93 19.00 23.64
CA VAL A 8 22.53 18.75 23.31
C VAL A 8 22.42 18.36 21.83
N LYS A 9 23.56 18.50 21.15
CA LYS A 9 23.76 18.05 19.76
C LYS A 9 23.55 19.12 18.69
N THR A 10 23.47 20.39 19.10
CA THR A 10 23.39 21.50 18.14
C THR A 10 24.12 22.79 18.58
N GLU A 11 23.52 23.53 19.51
CA GLU A 11 23.98 24.84 20.05
C GLU A 11 22.80 25.82 20.11
N GLN A 12 22.98 27.01 20.69
CA GLN A 12 24.24 27.49 21.27
C GLN A 12 24.06 28.02 22.68
N GLU A 13 23.73 29.31 22.81
CA GLU A 13 23.49 29.91 24.12
C GLU A 13 22.32 29.20 24.80
N ASP A 14 22.65 28.35 25.78
CA ASP A 14 21.72 27.36 26.35
C ASP A 14 20.41 27.85 26.94
N VAL A 15 20.19 27.55 28.23
CA VAL A 15 18.85 27.63 28.83
C VAL A 15 18.03 26.46 28.29
N LEU A 16 18.56 25.88 27.22
CA LEU A 16 17.97 24.72 26.57
C LEU A 16 17.91 23.55 27.55
N ALA A 17 18.96 23.41 28.36
CA ALA A 17 19.04 22.32 29.32
C ALA A 17 17.88 22.34 30.30
N LYS A 18 17.51 23.53 30.76
CA LYS A 18 16.42 23.66 31.72
C LYS A 18 15.07 23.28 31.11
N GLU A 19 14.89 23.61 29.83
CA GLU A 19 13.65 23.25 29.13
C GLU A 19 13.59 21.75 28.88
N LEU A 20 14.74 21.17 28.54
CA LEU A 20 14.81 19.74 28.24
C LEU A 20 14.58 18.86 29.46
N GLU A 21 14.59 19.47 30.64
CA GLU A 21 14.26 18.74 31.86
C GLU A 21 12.81 18.27 31.83
N ASP A 22 12.03 18.85 30.92
CA ASP A 22 10.64 18.46 30.77
C ASP A 22 10.43 17.44 29.65
N VAL A 23 11.52 16.88 29.13
CA VAL A 23 11.41 15.91 28.03
C VAL A 23 10.61 14.68 28.43
N ASN A 24 10.56 14.39 29.74
CA ASN A 24 9.77 13.28 30.24
CA ASN A 24 9.77 13.27 30.22
C ASN A 24 8.35 13.69 30.65
N LYS A 25 7.97 14.93 30.36
CA LYS A 25 6.66 15.41 30.78
C LYS A 25 5.75 15.80 29.61
N TRP A 26 4.45 15.57 29.78
CA TRP A 26 3.45 16.04 28.83
C TRP A 26 3.45 17.55 28.89
N GLY A 27 3.56 18.21 27.74
CA GLY A 27 3.57 19.67 27.78
C GLY A 27 4.93 20.33 27.90
N LEU A 28 5.98 19.55 27.63
CA LEU A 28 7.26 20.12 27.25
C LEU A 28 6.98 21.28 26.29
N HIS A 29 7.65 22.41 26.46
CA HIS A 29 7.41 23.52 25.53
C HIS A 29 8.27 23.37 24.30
N VAL A 30 7.73 22.69 23.30
CA VAL A 30 8.50 22.30 22.14
C VAL A 30 8.83 23.50 21.25
N PHE A 31 8.00 24.54 21.30
CA PHE A 31 8.28 25.74 20.51
C PHE A 31 9.47 26.48 21.09
N ARG A 32 9.56 26.54 22.40
CA ARG A 32 10.72 27.11 23.07
C ARG A 32 11.98 26.31 22.70
N ILE A 33 11.88 24.98 22.69
CA ILE A 33 13.01 24.15 22.31
C ILE A 33 13.44 24.45 20.87
N ALA A 34 12.47 24.65 19.99
CA ALA A 34 12.80 24.94 18.60
C ALA A 34 13.61 26.24 18.50
N GLU A 35 13.19 27.25 19.23
CA GLU A 35 13.89 28.53 19.22
C GLU A 35 15.30 28.38 19.79
N LEU A 36 15.38 27.82 21.00
CA LEU A 36 16.65 27.68 21.71
C LEU A 36 17.68 26.80 21.00
N SER A 37 17.22 25.98 20.06
CA SER A 37 18.12 25.06 19.37
C SER A 37 18.47 25.50 17.96
N GLY A 38 18.09 26.73 17.60
CA GLY A 38 18.32 27.20 16.24
C GLY A 38 17.52 26.39 15.24
N ASN A 39 16.25 26.17 15.56
CA ASN A 39 15.34 25.40 14.71
C ASN A 39 15.76 23.95 14.50
N ARG A 40 16.32 23.34 15.52
CA ARG A 40 16.66 21.92 15.45
C ARG A 40 15.97 21.12 16.54
N PRO A 41 14.66 21.33 16.74
CA PRO A 41 14.00 20.61 17.83
C PRO A 41 13.99 19.08 17.63
N LEU A 42 13.88 18.60 16.40
CA LEU A 42 13.84 17.16 16.18
C LEU A 42 15.18 16.51 16.52
N THR A 43 16.27 17.12 16.08
CA THR A 43 17.60 16.61 16.39
C THR A 43 17.85 16.64 17.89
N VAL A 44 17.57 17.78 18.53
CA VAL A 44 17.82 17.92 19.97
C VAL A 44 17.00 16.91 20.79
N ILE A 45 15.72 16.82 20.47
CA ILE A 45 14.84 15.97 21.25
C ILE A 45 15.13 14.48 21.04
N MET A 46 15.40 14.09 19.80
CA MET A 46 15.77 12.69 19.50
C MET A 46 17.08 12.32 20.17
N HIS A 47 18.07 13.20 20.11
CA HIS A 47 19.35 12.91 20.75
C HIS A 47 19.15 12.71 22.26
N THR A 48 18.36 13.60 22.87
CA THR A 48 18.10 13.52 24.30
C THR A 48 17.42 12.19 24.66
N ILE A 49 16.45 11.79 23.84
CA ILE A 49 15.69 10.57 24.12
C ILE A 49 16.56 9.33 23.92
N PHE A 50 17.37 9.31 22.86
CA PHE A 50 18.25 8.17 22.65
C PHE A 50 19.25 8.02 23.78
N GLN A 51 19.77 9.13 24.29
CA GLN A 51 20.71 9.07 25.41
C GLN A 51 20.01 8.59 26.67
N GLU A 52 18.86 9.18 26.96
CA GLU A 52 18.09 8.84 28.17
C GLU A 52 17.69 7.37 28.21
N ARG A 53 17.28 6.83 27.07
CA ARG A 53 16.86 5.44 26.97
C ARG A 53 18.02 4.47 26.70
N ASP A 54 19.23 5.01 26.65
CA ASP A 54 20.45 4.23 26.43
C ASP A 54 20.43 3.44 25.11
N LEU A 55 19.77 4.02 24.11
CA LEU A 55 19.61 3.33 22.84
C LEU A 55 20.89 3.28 22.00
N LEU A 56 21.80 4.23 22.19
CA LEU A 56 23.06 4.19 21.44
C LEU A 56 23.87 2.96 21.86
N LYS A 57 23.90 2.70 23.15
CA LYS A 57 24.67 1.57 23.67
C LYS A 57 24.01 0.24 23.28
N THR A 58 22.69 0.18 23.43
CA THR A 58 21.96 -1.06 23.15
C THR A 58 22.11 -1.50 21.72
N PHE A 59 22.07 -0.53 20.80
CA PHE A 59 22.10 -0.86 19.38
C PHE A 59 23.39 -0.47 18.68
N LYS A 60 24.40 -0.14 19.48
CA LYS A 60 25.71 0.29 18.99
C LYS A 60 25.59 1.33 17.88
N ILE A 61 24.86 2.39 18.18
CA ILE A 61 24.66 3.49 17.25
C ILE A 61 25.71 4.55 17.53
N PRO A 62 26.62 4.79 16.57
CA PRO A 62 27.63 5.83 16.77
C PRO A 62 26.93 7.18 16.88
N VAL A 63 27.32 7.99 17.87
CA VAL A 63 26.61 9.25 18.11
C VAL A 63 26.71 10.20 16.92
N ASP A 64 27.83 10.21 16.23
CA ASP A 64 27.97 11.09 15.08
C ASP A 64 27.05 10.63 13.94
N THR A 65 26.82 9.33 13.83
CA THR A 65 25.91 8.79 12.82
C THR A 65 24.47 9.18 13.18
N LEU A 66 24.12 9.06 14.45
CA LEU A 66 22.81 9.51 14.89
C LEU A 66 22.57 11.00 14.59
N ILE A 67 23.53 11.85 14.94
CA ILE A 67 23.34 13.28 14.70
C ILE A 67 23.27 13.61 13.21
N THR A 68 24.12 12.97 12.40
CA THR A 68 24.10 13.20 10.96
C THR A 68 22.75 12.79 10.37
N TYR A 69 22.25 11.62 10.77
CA TYR A 69 20.95 11.20 10.26
C TYR A 69 19.84 12.17 10.70
N LEU A 70 19.83 12.52 11.99
CA LEU A 70 18.80 13.41 12.50
C LEU A 70 18.79 14.76 11.78
N MET A 71 19.96 15.32 11.55
CA MET A 71 20.07 16.60 10.86
CA MET A 71 20.05 16.60 10.87
C MET A 71 19.54 16.50 9.44
N THR A 72 19.87 15.40 8.77
CA THR A 72 19.42 15.16 7.40
C THR A 72 17.89 14.97 7.38
N LEU A 73 17.39 14.17 8.31
CA LEU A 73 15.95 13.98 8.43
C LEU A 73 15.24 15.30 8.69
N GLU A 74 15.76 16.07 9.64
CA GLU A 74 15.15 17.33 9.99
C GLU A 74 15.11 18.29 8.78
N ASP A 75 16.17 18.27 7.97
CA ASP A 75 16.24 19.10 6.77
C ASP A 75 15.19 18.74 5.72
N HIS A 76 14.62 17.55 5.83
CA HIS A 76 13.61 17.12 4.85
C HIS A 76 12.18 17.34 5.33
N TYR A 77 12.05 17.95 6.51
CA TYR A 77 10.78 18.56 6.88
C TYR A 77 10.81 19.99 6.35
N HIS A 78 9.72 20.43 5.72
CA HIS A 78 9.69 21.72 5.03
C HIS A 78 9.55 22.86 6.02
N ALA A 79 10.46 23.82 5.97
CA ALA A 79 10.41 24.97 6.88
C ALA A 79 9.24 25.91 6.60
N ASP A 80 8.74 25.91 5.37
CA ASP A 80 7.66 26.82 5.00
C ASP A 80 6.27 26.19 5.11
N VAL A 81 6.19 25.03 5.74
CA VAL A 81 4.92 24.38 6.02
C VAL A 81 4.59 24.70 7.48
N ALA A 82 3.42 25.28 7.74
CA ALA A 82 3.13 25.85 9.06
C ALA A 82 2.95 24.81 10.16
N TYR A 83 2.37 23.67 9.82
CA TYR A 83 2.09 22.66 10.83
C TYR A 83 2.97 21.43 10.65
N HIS A 84 2.93 20.82 9.46
CA HIS A 84 3.64 19.57 9.24
C HIS A 84 5.11 19.76 8.97
N ASN A 85 5.81 20.25 9.98
CA ASN A 85 7.22 20.56 9.89
C ASN A 85 8.00 19.83 11.00
N ASN A 86 9.27 20.20 11.16
CA ASN A 86 10.14 19.52 12.11
C ASN A 86 9.70 19.70 13.56
N ILE A 87 8.96 20.77 13.86
CA ILE A 87 8.49 20.97 15.23
C ILE A 87 7.38 19.96 15.53
N HIS A 88 6.49 19.73 14.57
CA HIS A 88 5.48 18.68 14.75
C HIS A 88 6.13 17.31 14.91
N ALA A 89 7.13 17.00 14.10
CA ALA A 89 7.81 15.72 14.25
C ALA A 89 8.42 15.59 15.63
N ALA A 90 9.08 16.66 16.10
CA ALA A 90 9.70 16.64 17.44
C ALA A 90 8.64 16.41 18.51
N ASP A 91 7.48 17.04 18.33
CA ASP A 91 6.39 16.93 19.28
C ASP A 91 5.88 15.50 19.33
N VAL A 92 5.70 14.88 18.17
CA VAL A 92 5.15 13.52 18.15
C VAL A 92 6.16 12.54 18.74
N VAL A 93 7.45 12.71 18.44
CA VAL A 93 8.50 11.91 19.07
C VAL A 93 8.44 12.03 20.59
N GLN A 94 8.39 13.26 21.08
CA GLN A 94 8.47 13.46 22.53
C GLN A 94 7.22 12.94 23.20
N SER A 95 6.08 13.11 22.53
CA SER A 95 4.81 12.62 23.08
C SER A 95 4.80 11.08 23.14
N THR A 96 5.30 10.45 22.09
CA THR A 96 5.44 8.98 22.09
C THR A 96 6.37 8.54 23.21
N HIS A 97 7.46 9.27 23.40
CA HIS A 97 8.40 8.98 24.48
C HIS A 97 7.75 9.00 25.86
N VAL A 98 6.86 9.95 26.08
CA VAL A 98 6.12 10.00 27.35
C VAL A 98 5.12 8.86 27.46
N LEU A 99 4.39 8.61 26.39
CA LEU A 99 3.41 7.51 26.40
C LEU A 99 4.07 6.15 26.63
N LEU A 100 5.26 5.95 26.09
CA LEU A 100 5.96 4.67 26.26
C LEU A 100 6.30 4.40 27.72
N SER A 101 6.41 5.48 28.52
CA SER A 101 6.82 5.38 29.91
C SER A 101 5.62 5.29 30.86
N THR A 102 4.42 5.17 30.32
CA THR A 102 3.22 5.12 31.14
C THR A 102 3.28 3.85 32.01
N PRO A 103 2.89 3.96 33.29
CA PRO A 103 3.04 2.81 34.20
C PRO A 103 2.37 1.53 33.71
N ALA A 104 1.22 1.64 33.05
CA ALA A 104 0.54 0.46 32.53
C ALA A 104 1.35 -0.30 31.48
N LEU A 105 2.41 0.31 30.95
CA LEU A 105 3.23 -0.32 29.92
C LEU A 105 4.64 -0.71 30.40
N GLU A 106 4.86 -0.65 31.71
CA GLU A 106 6.19 -0.95 32.23
C GLU A 106 6.67 -2.36 31.86
N ALA A 107 7.84 -2.41 31.23
CA ALA A 107 8.48 -3.66 30.82
C ALA A 107 7.70 -4.43 29.77
N VAL A 108 6.74 -3.79 29.11
CA VAL A 108 5.95 -4.48 28.11
C VAL A 108 6.69 -4.59 26.78
N PHE A 109 7.37 -3.52 26.39
CA PHE A 109 8.01 -3.48 25.09
C PHE A 109 9.52 -3.71 25.14
N THR A 110 10.03 -4.39 24.13
CA THR A 110 11.46 -4.58 23.99
C THR A 110 12.13 -3.29 23.53
N ASP A 111 13.45 -3.23 23.69
CA ASP A 111 14.18 -2.05 23.24
C ASP A 111 14.02 -1.83 21.73
N LEU A 112 13.91 -2.92 20.96
CA LEU A 112 13.69 -2.79 19.52
C LEU A 112 12.31 -2.20 19.19
N GLU A 113 11.29 -2.59 19.97
CA GLU A 113 9.95 -2.05 19.79
C GLU A 113 9.92 -0.57 20.16
N ILE A 114 10.62 -0.22 21.23
CA ILE A 114 10.75 1.19 21.64
C ILE A 114 11.47 2.01 20.55
N LEU A 115 12.57 1.48 20.04
CA LEU A 115 13.29 2.12 18.94
C LEU A 115 12.38 2.30 17.72
N ALA A 116 11.59 1.29 17.38
CA ALA A 116 10.68 1.38 16.25
C ALA A 116 9.64 2.50 16.43
N ALA A 117 9.03 2.61 17.60
CA ALA A 117 8.01 3.61 17.87
C ALA A 117 8.59 5.00 17.80
N ILE A 118 9.78 5.19 18.35
CA ILE A 118 10.41 6.49 18.35
C ILE A 118 10.87 6.86 16.94
N PHE A 119 11.50 5.92 16.24
CA PHE A 119 11.94 6.19 14.88
C PHE A 119 10.73 6.48 13.97
N ALA A 120 9.68 5.67 14.10
CA ALA A 120 8.46 5.89 13.33
C ALA A 120 7.92 7.30 13.58
N SER A 121 7.87 7.70 14.84
CA SER A 121 7.39 9.04 15.18
C SER A 121 8.24 10.12 14.50
N ALA A 122 9.55 9.92 14.48
CA ALA A 122 10.45 10.94 13.90
C ALA A 122 10.28 11.11 12.40
N ILE A 123 10.04 10.00 11.70
CA ILE A 123 9.91 10.08 10.24
C ILE A 123 8.47 10.21 9.74
N HIS A 124 7.51 10.20 10.64
CA HIS A 124 6.14 9.90 10.23
C HIS A 124 5.49 10.90 9.29
N ASP A 125 6.00 12.14 9.24
CA ASP A 125 5.49 13.17 8.32
C ASP A 125 6.59 13.78 7.44
N VAL A 126 7.73 13.10 7.30
CA VAL A 126 8.84 13.74 6.60
C VAL A 126 8.53 14.07 5.14
N ASP A 127 8.98 15.24 4.69
CA ASP A 127 8.74 15.71 3.31
C ASP A 127 7.26 15.97 3.04
N HIS A 128 6.51 16.26 4.09
CA HIS A 128 5.10 16.63 3.94
C HIS A 128 5.00 17.96 3.16
N PRO A 129 4.18 17.96 2.11
CA PRO A 129 4.06 19.17 1.27
C PRO A 129 3.05 20.18 1.82
N GLY A 130 2.33 19.85 2.89
CA GLY A 130 1.37 20.80 3.44
C GLY A 130 0.00 20.76 2.79
N VAL A 131 -0.25 19.70 2.03
CA VAL A 131 -1.57 19.44 1.47
C VAL A 131 -1.95 17.99 1.75
N SER A 132 -3.24 17.71 1.71
CA SER A 132 -3.79 16.43 2.12
C SER A 132 -3.67 15.36 1.05
N ASN A 133 -3.85 14.10 1.45
CA ASN A 133 -3.94 13.02 0.48
C ASN A 133 -4.99 13.29 -0.57
N GLN A 134 -6.17 13.74 -0.14
CA GLN A 134 -7.23 13.99 -1.09
C GLN A 134 -6.88 15.08 -2.11
N PHE A 135 -6.19 16.13 -1.65
CA PHE A 135 -5.74 17.15 -2.59
C PHE A 135 -4.76 16.57 -3.59
N LEU A 136 -3.84 15.72 -3.12
CA LEU A 136 -2.88 15.08 -4.02
C LEU A 136 -3.54 14.18 -5.05
N ILE A 137 -4.60 13.50 -4.65
CA ILE A 137 -5.38 12.66 -5.55
C ILE A 137 -6.13 13.52 -6.55
N ASN A 138 -6.81 14.56 -6.06
CA ASN A 138 -7.66 15.43 -6.89
C ASN A 138 -6.88 16.22 -7.93
N THR A 139 -5.60 16.46 -7.67
CA THR A 139 -4.79 17.23 -8.58
C THR A 139 -3.87 16.34 -9.45
N ASN A 140 -4.11 15.02 -9.41
CA ASN A 140 -3.37 14.07 -10.24
C ASN A 140 -1.87 14.22 -10.05
N SER A 141 -1.47 14.35 -8.79
CA SER A 141 -0.06 14.52 -8.46
C SER A 141 0.73 13.27 -8.82
N GLU A 142 2.01 13.47 -9.06
CA GLU A 142 2.92 12.34 -9.28
C GLU A 142 2.92 11.40 -8.09
N LEU A 143 2.86 11.93 -6.86
CA LEU A 143 2.84 11.06 -5.69
C LEU A 143 1.61 10.17 -5.68
N ALA A 144 0.46 10.70 -6.04
CA ALA A 144 -0.77 9.90 -6.03
C ALA A 144 -0.71 8.86 -7.14
N LEU A 145 -0.04 9.22 -8.23
CA LEU A 145 0.20 8.28 -9.33
C LEU A 145 1.12 7.15 -8.86
N MET A 146 2.21 7.49 -8.18
CA MET A 146 3.13 6.49 -7.66
CA MET A 146 3.12 6.48 -7.67
C MET A 146 2.44 5.49 -6.74
N TYR A 147 1.56 5.99 -5.87
CA TYR A 147 1.00 5.21 -4.80
C TYR A 147 -0.46 4.79 -4.99
N ASN A 148 -0.98 4.98 -6.20
CA ASN A 148 -2.29 4.45 -6.52
C ASN A 148 -3.38 4.92 -5.57
N ASP A 149 -3.27 6.20 -5.23
CA ASP A 149 -4.25 6.90 -4.41
C ASP A 149 -4.41 6.38 -2.99
N SER A 150 -3.54 5.48 -2.54
CA SER A 150 -3.71 4.84 -1.23
C SER A 150 -2.61 5.21 -0.26
N SER A 151 -3.00 5.81 0.88
CA SER A 151 -2.06 6.27 1.89
C SER A 151 -0.88 6.96 1.22
N VAL A 152 -1.19 7.92 0.34
CA VAL A 152 -0.17 8.47 -0.54
C VAL A 152 0.95 9.13 0.26
N LEU A 153 0.58 10.05 1.16
CA LEU A 153 1.59 10.72 1.97
C LEU A 153 2.36 9.75 2.87
N GLU A 154 1.63 8.85 3.52
CA GLU A 154 2.23 8.00 4.53
C GLU A 154 3.22 7.01 3.90
N ASN A 155 2.88 6.49 2.72
CA ASN A 155 3.87 5.68 1.99
C ASN A 155 5.12 6.48 1.65
N HIS A 156 4.91 7.73 1.26
CA HIS A 156 6.03 8.61 0.93
C HIS A 156 6.90 8.92 2.15
N HIS A 157 6.28 9.21 3.29
CA HIS A 157 7.04 9.54 4.50
C HIS A 157 7.95 8.36 4.84
N LEU A 158 7.40 7.14 4.76
CA LEU A 158 8.21 5.94 5.02
C LEU A 158 9.37 5.80 4.04
N ALA A 159 9.10 5.97 2.76
CA ALA A 159 10.14 5.77 1.76
C ALA A 159 11.28 6.78 1.96
N VAL A 160 10.94 8.02 2.24
CA VAL A 160 11.95 9.04 2.47
C VAL A 160 12.74 8.75 3.75
N GLY A 161 12.03 8.45 4.84
CA GLY A 161 12.71 8.21 6.10
C GLY A 161 13.70 7.06 6.03
N PHE A 162 13.33 6.01 5.30
CA PHE A 162 14.24 4.88 5.12
C PHE A 162 15.36 5.22 4.13
N LYS A 163 15.02 5.93 3.07
CA LYS A 163 16.02 6.24 2.03
C LYS A 163 17.16 7.08 2.62
N LEU A 164 16.83 7.96 3.56
CA LEU A 164 17.84 8.85 4.15
C LEU A 164 18.90 8.09 4.95
N LEU A 165 18.58 6.87 5.39
CA LEU A 165 19.56 6.03 6.08
C LEU A 165 20.75 5.72 5.18
N GLN A 166 20.54 5.84 3.87
CA GLN A 166 21.58 5.49 2.89
C GLN A 166 22.58 6.61 2.61
N GLU A 167 22.32 7.80 3.12
CA GLU A 167 23.23 8.92 2.93
CA GLU A 167 23.24 8.91 2.90
C GLU A 167 24.51 8.71 3.73
N GLU A 168 25.57 9.43 3.37
CA GLU A 168 26.86 9.25 4.04
C GLU A 168 26.76 9.35 5.55
N ASN A 169 27.22 8.31 6.24
CA ASN A 169 27.27 8.29 7.69
C ASN A 169 25.90 8.53 8.34
N CYS A 170 24.86 7.95 7.75
CA CYS A 170 23.49 8.13 8.25
C CYS A 170 22.83 6.82 8.68
N ASP A 171 23.50 5.70 8.51
CA ASP A 171 22.83 4.43 8.80
C ASP A 171 22.86 4.10 10.29
N ILE A 172 21.87 4.62 11.01
CA ILE A 172 21.79 4.40 12.44
C ILE A 172 21.48 2.95 12.81
N PHE A 173 21.10 2.13 11.84
CA PHE A 173 20.75 0.74 12.13
C PHE A 173 21.85 -0.22 11.66
N GLN A 174 23.02 0.34 11.36
CA GLN A 174 24.11 -0.47 10.79
C GLN A 174 24.52 -1.65 11.66
N ASN A 175 24.35 -1.53 12.98
CA ASN A 175 24.79 -2.60 13.89
C ASN A 175 23.66 -3.47 14.44
N LEU A 176 22.46 -3.30 13.92
CA LEU A 176 21.40 -4.25 14.16
C LEU A 176 21.67 -5.52 13.35
N THR A 177 21.21 -6.66 13.86
CA THR A 177 21.31 -7.89 13.09
C THR A 177 20.34 -7.83 11.94
N LYS A 178 20.48 -8.74 10.98
CA LYS A 178 19.59 -8.76 9.83
C LYS A 178 18.15 -8.94 10.27
N LYS A 179 17.94 -9.86 11.21
CA LYS A 179 16.60 -10.12 11.74
C LYS A 179 16.02 -8.90 12.47
N GLN A 180 16.86 -8.22 13.25
CA GLN A 180 16.40 -7.01 13.94
C GLN A 180 16.00 -5.93 12.95
N ARG A 181 16.82 -5.74 11.92
CA ARG A 181 16.51 -4.76 10.88
C ARG A 181 15.18 -5.09 10.21
N GLN A 182 14.96 -6.36 9.89
CA GLN A 182 13.72 -6.78 9.26
C GLN A 182 12.53 -6.51 10.16
N SER A 183 12.66 -6.83 11.44
CA SER A 183 11.56 -6.64 12.39
CA SER A 183 11.56 -6.64 12.39
C SER A 183 11.25 -5.17 12.58
N LEU A 184 12.30 -4.36 12.76
CA LEU A 184 12.12 -2.94 12.95
C LEU A 184 11.47 -2.32 11.71
N ARG A 185 11.95 -2.69 10.53
CA ARG A 185 11.35 -2.16 9.31
C ARG A 185 9.86 -2.47 9.25
N LYS A 186 9.45 -3.70 9.54
CA LYS A 186 8.04 -4.04 9.49
CA LYS A 186 8.04 -4.04 9.50
C LYS A 186 7.23 -3.23 10.51
N MET A 187 7.75 -3.10 11.72
CA MET A 187 7.04 -2.35 12.75
C MET A 187 6.88 -0.89 12.38
N VAL A 188 7.94 -0.30 11.83
CA VAL A 188 7.89 1.11 11.45
C VAL A 188 6.87 1.35 10.33
N ILE A 189 6.86 0.48 9.33
CA ILE A 189 5.88 0.57 8.27
C ILE A 189 4.47 0.44 8.84
N ASP A 190 4.26 -0.55 9.71
CA ASP A 190 2.92 -0.75 10.27
C ASP A 190 2.46 0.47 11.06
N ILE A 191 3.38 1.10 11.79
CA ILE A 191 3.04 2.27 12.59
C ILE A 191 2.76 3.50 11.73
N VAL A 192 3.64 3.80 10.78
CA VAL A 192 3.42 5.02 10.01
C VAL A 192 2.20 4.92 9.11
N LEU A 193 1.95 3.75 8.54
CA LEU A 193 0.75 3.62 7.71
C LEU A 193 -0.52 3.83 8.55
N ALA A 194 -0.46 3.52 9.84
CA ALA A 194 -1.61 3.70 10.72
C ALA A 194 -1.87 5.16 11.09
N THR A 195 -0.95 6.05 10.68
CA THR A 195 -1.18 7.48 10.94
C THR A 195 -2.02 8.16 9.87
N ASP A 196 -2.35 7.42 8.80
CA ASP A 196 -3.25 7.92 7.76
C ASP A 196 -4.62 8.14 8.41
N MET A 197 -5.09 9.38 8.41
CA MET A 197 -6.33 9.71 9.12
C MET A 197 -7.54 8.95 8.59
N SER A 198 -7.46 8.45 7.36
CA SER A 198 -8.58 7.70 6.81
C SER A 198 -8.73 6.33 7.48
N LYS A 199 -7.72 5.93 8.25
CA LYS A 199 -7.76 4.65 8.95
CA LYS A 199 -7.74 4.64 8.96
C LYS A 199 -8.19 4.81 10.41
N HIS A 200 -8.46 6.05 10.79
CA HIS A 200 -8.78 6.35 12.19
C HIS A 200 -9.96 5.56 12.75
N MET A 201 -11.07 5.54 12.02
CA MET A 201 -12.29 4.90 12.53
C MET A 201 -12.07 3.41 12.75
N ASN A 202 -11.39 2.76 11.82
CA ASN A 202 -11.10 1.34 11.95
C ASN A 202 -10.14 1.07 13.10
N LEU A 203 -9.11 1.90 13.18
CA LEU A 203 -8.11 1.77 14.22
C LEU A 203 -8.74 1.90 15.61
N LEU A 204 -9.60 2.90 15.77
CA LEU A 204 -10.27 3.12 17.04
C LEU A 204 -11.20 1.97 17.39
N ALA A 205 -11.96 1.51 16.40
CA ALA A 205 -12.91 0.42 16.65
C ALA A 205 -12.17 -0.78 17.20
N ASP A 206 -11.00 -1.05 16.63
CA ASP A 206 -10.18 -2.18 17.06
C ASP A 206 -9.55 -1.93 18.42
N LEU A 207 -9.23 -0.67 18.73
CA LEU A 207 -8.68 -0.35 20.03
C LEU A 207 -9.74 -0.57 21.11
N LYS A 208 -10.98 -0.22 20.78
CA LYS A 208 -12.10 -0.45 21.70
C LYS A 208 -12.24 -1.94 21.98
N THR A 209 -12.13 -2.76 20.94
CA THR A 209 -12.18 -4.21 21.09
C THR A 209 -11.09 -4.70 22.02
N MET A 210 -9.89 -4.16 21.86
CA MET A 210 -8.78 -4.51 22.73
C MET A 210 -9.04 -4.13 24.19
N VAL A 211 -9.62 -2.96 24.40
CA VAL A 211 -9.91 -2.51 25.75
C VAL A 211 -10.95 -3.41 26.41
N GLU A 212 -11.93 -3.84 25.62
CA GLU A 212 -12.98 -4.73 26.14
C GLU A 212 -12.39 -6.03 26.67
N THR A 213 -11.35 -6.52 26.02
CA THR A 213 -10.77 -7.80 26.38
C THR A 213 -9.39 -7.67 27.00
N LYS A 214 -9.11 -6.51 27.59
CA LYS A 214 -7.75 -6.28 28.07
C LYS A 214 -7.39 -7.20 29.25
N LYS A 215 -6.13 -7.63 29.28
CA LYS A 215 -5.60 -8.42 30.38
C LYS A 215 -4.53 -7.63 31.08
N VAL A 216 -4.58 -7.63 32.39
CA VAL A 216 -3.58 -6.91 33.16
C VAL A 216 -3.16 -7.73 34.36
N THR A 217 -1.96 -7.44 34.86
CA THR A 217 -1.51 -8.01 36.12
C THR A 217 -2.25 -7.29 37.23
N SER A 218 -1.94 -7.65 38.47
CA SER A 218 -2.58 -7.01 39.62
C SER A 218 -2.17 -5.55 39.74
N SER A 219 -0.98 -5.24 39.24
CA SER A 219 -0.47 -3.87 39.28
C SER A 219 -0.99 -3.03 38.11
N GLY A 220 -1.84 -3.62 37.30
CA GLY A 220 -2.47 -2.91 36.20
C GLY A 220 -1.61 -2.81 34.95
N VAL A 221 -0.55 -3.61 34.90
CA VAL A 221 0.32 -3.63 33.73
C VAL A 221 -0.27 -4.52 32.64
N LEU A 222 -0.26 -4.02 31.41
CA LEU A 222 -0.89 -4.73 30.30
C LEU A 222 -0.14 -6.00 29.97
N LEU A 223 -0.90 -7.04 29.65
CA LEU A 223 -0.33 -8.30 29.19
C LEU A 223 -0.61 -8.47 27.70
N LEU A 224 0.41 -8.26 26.89
CA LEU A 224 0.28 -8.38 25.44
C LEU A 224 0.86 -9.72 25.02
N ASP A 225 0.18 -10.43 24.12
CA ASP A 225 0.51 -11.83 23.88
C ASP A 225 1.37 -12.13 22.67
N ASN A 226 1.40 -11.21 21.72
CA ASN A 226 1.95 -11.53 20.41
C ASN A 226 2.18 -10.24 19.62
N TYR A 227 2.71 -10.39 18.41
CA TYR A 227 2.96 -9.23 17.57
C TYR A 227 1.71 -8.40 17.32
N SER A 228 0.58 -9.06 17.05
CA SER A 228 -0.66 -8.35 16.78
C SER A 228 -1.00 -7.40 17.93
N ASP A 229 -0.92 -7.90 19.17
CA ASP A 229 -1.22 -7.08 20.34
C ASP A 229 -0.24 -5.91 20.45
N ARG A 230 1.04 -6.22 20.33
CA ARG A 230 2.08 -5.22 20.54
C ARG A 230 1.99 -4.13 19.47
N ILE A 231 1.87 -4.53 18.21
CA ILE A 231 1.84 -3.54 17.14
C ILE A 231 0.56 -2.70 17.20
N GLN A 232 -0.55 -3.30 17.61
CA GLN A 232 -1.77 -2.53 17.73
C GLN A 232 -1.64 -1.44 18.80
N VAL A 233 -0.99 -1.77 19.91
CA VAL A 233 -0.79 -0.78 20.94
C VAL A 233 0.14 0.32 20.43
N LEU A 234 1.22 -0.07 19.75
CA LEU A 234 2.16 0.94 19.24
C LEU A 234 1.53 1.83 18.17
N GLN A 235 0.74 1.24 17.27
CA GLN A 235 0.02 2.01 16.27
C GLN A 235 -0.89 3.04 16.91
N ASN A 236 -1.65 2.63 17.90
CA ASN A 236 -2.57 3.54 18.55
C ASN A 236 -1.84 4.57 19.38
N MET A 237 -0.71 4.18 19.95
CA MET A 237 0.08 5.10 20.76
C MET A 237 0.60 6.24 19.89
N VAL A 238 1.17 5.92 18.74
CA VAL A 238 1.71 6.96 17.88
C VAL A 238 0.58 7.78 17.25
N HIS A 239 -0.55 7.16 16.98
CA HIS A 239 -1.71 7.89 16.47
C HIS A 239 -2.23 8.87 17.54
N CYS A 240 -2.27 8.44 18.79
CA CYS A 240 -2.61 9.34 19.89
C CYS A 240 -1.62 10.49 19.98
N ALA A 241 -0.33 10.20 19.86
CA ALA A 241 0.70 11.24 19.90
C ALA A 241 0.49 12.24 18.76
N ASP A 242 0.15 11.73 17.58
CA ASP A 242 -0.10 12.58 16.41
C ASP A 242 -1.32 13.48 16.65
N LEU A 243 -2.30 12.96 17.40
CA LEU A 243 -3.54 13.67 17.71
C LEU A 243 -3.54 14.19 19.15
N SER A 244 -2.39 14.62 19.63
CA SER A 244 -2.28 14.99 21.04
C SER A 244 -2.38 16.49 21.30
N ASN A 245 -2.38 17.32 20.25
CA ASN A 245 -2.36 18.77 20.47
C ASN A 245 -3.44 19.27 21.45
N PRO A 246 -4.70 18.82 21.26
CA PRO A 246 -5.75 19.37 22.13
C PRO A 246 -5.66 18.89 23.58
N THR A 247 -4.76 17.93 23.84
CA THR A 247 -4.58 17.42 25.21
C THR A 247 -3.43 18.13 25.93
N LYS A 248 -2.75 19.04 25.24
CA LYS A 248 -1.58 19.70 25.78
C LYS A 248 -1.98 20.96 26.54
N PRO A 249 -1.08 21.49 27.38
CA PRO A 249 -1.29 22.80 28.01
C PRO A 249 -1.79 23.79 26.98
N LEU A 250 -2.79 24.58 27.36
CA LEU A 250 -3.54 25.39 26.42
C LEU A 250 -2.71 26.28 25.50
N GLN A 251 -1.64 26.87 26.03
CA GLN A 251 -0.83 27.75 25.19
C GLN A 251 -0.20 27.01 24.02
N LEU A 252 0.21 25.77 24.24
CA LEU A 252 0.73 24.94 23.14
C LEU A 252 -0.38 24.63 22.15
N TYR A 253 -1.52 24.16 22.64
CA TYR A 253 -2.68 23.88 21.81
C TYR A 253 -3.11 25.08 20.97
N ARG A 254 -3.18 26.26 21.58
CA ARG A 254 -3.54 27.45 20.81
C ARG A 254 -2.60 27.69 19.64
N GLN A 255 -1.30 27.50 19.86
CA GLN A 255 -0.34 27.68 18.78
C GLN A 255 -0.46 26.60 17.70
N TRP A 256 -0.68 25.35 18.11
CA TRP A 256 -0.86 24.30 17.12
C TRP A 256 -2.08 24.58 16.25
N THR A 257 -3.15 25.09 16.86
CA THR A 257 -4.35 25.40 16.13
C THR A 257 -4.10 26.50 15.11
N ASP A 258 -3.39 27.56 15.52
CA ASP A 258 -3.04 28.62 14.58
C ASP A 258 -2.26 28.08 13.39
N ARG A 259 -1.35 27.14 13.66
CA ARG A 259 -0.50 26.58 12.59
C ARG A 259 -1.25 25.68 11.64
N ILE A 260 -2.11 24.81 12.17
CA ILE A 260 -2.85 23.94 11.26
C ILE A 260 -3.81 24.74 10.41
N MET A 261 -4.41 25.78 10.98
CA MET A 261 -5.32 26.60 10.20
C MET A 261 -4.58 27.35 9.10
N GLU A 262 -3.39 27.84 9.40
CA GLU A 262 -2.56 28.47 8.37
C GLU A 262 -2.27 27.51 7.22
N GLU A 263 -1.93 26.28 7.57
CA GLU A 263 -1.64 25.27 6.57
C GLU A 263 -2.89 24.91 5.76
N PHE A 264 -4.02 24.70 6.43
CA PHE A 264 -5.27 24.39 5.76
C PHE A 264 -5.66 25.52 4.81
N PHE A 265 -5.55 26.75 5.29
CA PHE A 265 -5.97 27.90 4.48
C PHE A 265 -5.14 28.03 3.22
N ARG A 266 -3.86 27.71 3.32
CA ARG A 266 -3.00 27.73 2.14
C ARG A 266 -3.42 26.66 1.15
N GLN A 267 -3.85 25.50 1.64
CA GLN A 267 -4.36 24.50 0.72
C GLN A 267 -5.64 24.98 0.03
N GLY A 268 -6.51 25.61 0.81
CA GLY A 268 -7.75 26.15 0.28
C GLY A 268 -7.50 27.21 -0.78
N ASP A 269 -6.44 27.97 -0.59
CA ASP A 269 -6.08 29.01 -1.56
C ASP A 269 -5.68 28.35 -2.87
N ARG A 270 -4.99 27.21 -2.78
CA ARG A 270 -4.60 26.48 -3.99
C ARG A 270 -5.82 25.91 -4.68
N GLU A 271 -6.77 25.41 -3.90
CA GLU A 271 -8.00 24.87 -4.46
C GLU A 271 -8.80 25.97 -5.14
N ARG A 272 -8.93 27.12 -4.47
CA ARG A 272 -9.72 28.22 -5.01
C ARG A 272 -9.12 28.72 -6.31
N GLU A 273 -7.79 28.76 -6.37
CA GLU A 273 -7.09 29.24 -7.57
C GLU A 273 -7.32 28.32 -8.76
N ARG A 274 -7.55 27.04 -8.48
CA ARG A 274 -7.75 26.05 -9.54
C ARG A 274 -9.22 25.79 -9.83
N GLY A 275 -10.10 26.58 -9.21
CA GLY A 275 -11.53 26.43 -9.42
C GLY A 275 -12.07 25.14 -8.84
N MET A 276 -11.37 24.58 -7.87
CA MET A 276 -11.81 23.34 -7.20
C MET A 276 -12.69 23.66 -6.00
N GLU A 277 -13.53 22.71 -5.62
CA GLU A 277 -14.28 22.83 -4.37
C GLU A 277 -13.25 22.95 -3.25
N ILE A 278 -13.45 23.91 -2.36
CA ILE A 278 -12.52 24.09 -1.27
C ILE A 278 -12.81 23.07 -0.18
N SER A 279 -11.75 22.40 0.28
CA SER A 279 -11.90 21.32 1.26
C SER A 279 -12.46 21.85 2.57
N PRO A 280 -13.12 20.97 3.34
CA PRO A 280 -13.63 21.35 4.66
C PRO A 280 -12.54 21.99 5.51
N MET A 281 -12.87 23.13 6.12
CA MET A 281 -12.00 23.85 7.03
C MET A 281 -10.81 24.54 6.36
N CYS A 282 -10.82 24.56 5.03
CA CYS A 282 -9.69 25.18 4.32
C CYS A 282 -10.01 26.53 3.67
N ASP A 283 -11.21 27.04 3.90
CA ASP A 283 -11.60 28.33 3.32
C ASP A 283 -11.44 29.46 4.33
N LYS A 284 -10.37 30.24 4.18
CA LYS A 284 -10.10 31.34 5.10
C LYS A 284 -11.23 32.37 5.10
N HIS A 285 -12.00 32.41 4.02
CA HIS A 285 -13.09 33.39 3.91
C HIS A 285 -14.34 32.97 4.67
N ASN A 286 -14.41 31.69 5.04
CA ASN A 286 -15.60 31.15 5.68
C ASN A 286 -15.21 30.10 6.68
N ALA A 287 -14.46 30.51 7.69
CA ALA A 287 -13.97 29.57 8.68
C ALA A 287 -14.63 29.81 10.02
N SER A 288 -14.69 28.75 10.82
CA SER A 288 -15.14 28.86 12.19
C SER A 288 -14.13 28.08 13.02
N VAL A 289 -12.97 28.70 13.22
CA VAL A 289 -11.83 27.99 13.83
C VAL A 289 -12.17 27.37 15.17
N GLU A 290 -12.83 28.13 16.04
CA GLU A 290 -13.14 27.68 17.38
C GLU A 290 -14.15 26.53 17.36
N LYS A 291 -15.24 26.72 16.61
CA LYS A 291 -16.25 25.69 16.44
C LYS A 291 -15.65 24.40 15.88
N SER A 292 -14.73 24.54 14.94
CA SER A 292 -14.11 23.38 14.31
C SER A 292 -13.22 22.60 15.28
N GLN A 293 -12.53 23.31 16.18
CA GLN A 293 -11.77 22.64 17.22
C GLN A 293 -12.69 21.87 18.17
N VAL A 294 -13.82 22.45 18.54
CA VAL A 294 -14.75 21.74 19.41
C VAL A 294 -15.24 20.47 18.71
N GLY A 295 -15.54 20.56 17.42
CA GLY A 295 -15.98 19.41 16.65
C GLY A 295 -14.89 18.34 16.55
N PHE A 296 -13.66 18.78 16.31
CA PHE A 296 -12.49 17.90 16.24
C PHE A 296 -12.36 17.10 17.54
N ILE A 297 -12.48 17.79 18.66
CA ILE A 297 -12.41 17.12 19.96
C ILE A 297 -13.59 16.16 20.15
N ASP A 298 -14.80 16.63 19.88
CA ASP A 298 -15.98 15.80 20.14
C ASP A 298 -16.02 14.54 19.28
N TYR A 299 -15.59 14.67 18.02
CA TYR A 299 -15.76 13.58 17.06
C TYR A 299 -14.53 12.70 16.84
N ILE A 300 -13.35 13.24 17.07
CA ILE A 300 -12.12 12.50 16.82
C ILE A 300 -11.24 12.34 18.06
N VAL A 301 -10.82 13.46 18.65
CA VAL A 301 -9.79 13.41 19.67
C VAL A 301 -10.25 12.85 21.02
N HIS A 302 -11.43 13.27 21.49
CA HIS A 302 -11.93 12.72 22.74
C HIS A 302 -12.26 11.23 22.66
N PRO A 303 -12.98 10.80 21.61
CA PRO A 303 -13.26 9.37 21.49
C PRO A 303 -11.99 8.53 21.50
N LEU A 304 -10.93 9.02 20.86
CA LEU A 304 -9.67 8.29 20.84
C LEU A 304 -9.01 8.28 22.22
N TRP A 305 -8.87 9.45 22.82
CA TRP A 305 -8.15 9.56 24.08
C TRP A 305 -8.90 8.93 25.26
N GLU A 306 -10.23 8.95 25.20
CA GLU A 306 -11.04 8.28 26.23
C GLU A 306 -10.76 6.78 26.19
N THR A 307 -10.58 6.25 24.99
CA THR A 307 -10.30 4.81 24.81
C THR A 307 -8.86 4.48 25.24
N TRP A 308 -7.91 5.32 24.88
CA TRP A 308 -6.55 5.13 25.37
C TRP A 308 -6.53 5.19 26.90
N ALA A 309 -7.24 6.16 27.45
CA ALA A 309 -7.30 6.33 28.90
C ALA A 309 -7.83 5.07 29.58
N ASP A 310 -8.79 4.41 28.93
CA ASP A 310 -9.35 3.15 29.43
C ASP A 310 -8.30 2.06 29.43
N LEU A 311 -7.53 1.99 28.35
CA LEU A 311 -6.51 0.96 28.20
C LEU A 311 -5.46 1.05 29.32
N VAL A 312 -5.05 2.26 29.65
CA VAL A 312 -3.98 2.47 30.61
C VAL A 312 -4.45 3.02 31.96
N HIS A 313 -5.74 2.89 32.23
CA HIS A 313 -6.36 3.50 33.41
C HIS A 313 -5.55 3.21 34.68
N PRO A 314 -5.28 4.24 35.50
CA PRO A 314 -5.71 5.64 35.37
C PRO A 314 -4.62 6.58 34.86
N ASP A 315 -3.62 6.04 34.17
CA ASP A 315 -2.42 6.79 33.80
C ASP A 315 -2.67 8.09 33.04
N ALA A 316 -3.72 8.11 32.23
CA ALA A 316 -3.96 9.24 31.34
C ALA A 316 -5.07 10.16 31.83
N GLN A 317 -5.42 10.06 33.11
CA GLN A 317 -6.54 10.82 33.62
C GLN A 317 -6.35 12.33 33.48
N ASP A 318 -5.14 12.79 33.75
CA ASP A 318 -4.83 14.23 33.68
C ASP A 318 -4.85 14.73 32.23
N ILE A 319 -4.39 13.89 31.31
CA ILE A 319 -4.42 14.24 29.89
C ILE A 319 -5.85 14.44 29.44
N LEU A 320 -6.72 13.53 29.87
CA LEU A 320 -8.13 13.59 29.55
C LEU A 320 -8.78 14.84 30.16
N ASP A 321 -8.45 15.12 31.42
CA ASP A 321 -8.97 16.32 32.09
C ASP A 321 -8.57 17.60 31.34
N THR A 322 -7.33 17.65 30.89
CA THR A 322 -6.85 18.81 30.14
C THR A 322 -7.59 18.95 28.82
N LEU A 323 -7.79 17.82 28.13
CA LEU A 323 -8.56 17.83 26.89
C LEU A 323 -9.93 18.45 27.12
N GLU A 324 -10.60 18.06 28.20
CA GLU A 324 -11.93 18.57 28.49
C GLU A 324 -11.93 20.07 28.80
N ASP A 325 -10.94 20.53 29.56
CA ASP A 325 -10.78 21.96 29.83
C ASP A 325 -10.53 22.74 28.53
N ASN A 326 -9.70 22.17 27.66
CA ASN A 326 -9.37 22.85 26.41
C ASN A 326 -10.55 22.93 25.47
N ARG A 327 -11.39 21.89 25.48
CA ARG A 327 -12.62 21.94 24.70
C ARG A 327 -13.45 23.14 25.12
N GLU A 328 -13.52 23.36 26.43
CA GLU A 328 -14.30 24.47 26.96
C GLU A 328 -13.73 25.81 26.57
N TRP A 329 -12.40 25.91 26.50
CA TRP A 329 -11.76 27.14 26.02
C TRP A 329 -12.25 27.52 24.64
N TYR A 330 -12.19 26.58 23.70
CA TYR A 330 -12.62 26.90 22.35
C TYR A 330 -14.12 27.12 22.26
N GLN A 331 -14.90 26.36 23.03
CA GLN A 331 -16.33 26.57 23.10
C GLN A 331 -16.62 28.01 23.57
N SER A 332 -15.86 28.46 24.56
CA SER A 332 -16.10 29.78 25.16
CA SER A 332 -16.10 29.78 25.16
C SER A 332 -15.63 30.93 24.28
N THR A 333 -14.89 30.61 23.22
CA THR A 333 -14.38 31.65 22.33
C THR A 333 -15.03 31.62 20.95
N ILE A 334 -16.07 30.81 20.78
CA ILE A 334 -16.86 30.89 19.57
C ILE A 334 -17.53 32.26 19.53
N PRO A 335 -17.36 33.00 18.43
CA PRO A 335 -18.07 34.28 18.31
C PRO A 335 -19.57 34.06 18.25
N ASP B 14 -4.00 -11.78 -43.35
CA ASP B 14 -3.38 -13.00 -43.83
C ASP B 14 -3.62 -14.18 -42.89
N VAL B 15 -2.55 -14.89 -42.55
CA VAL B 15 -2.63 -15.98 -41.59
C VAL B 15 -3.02 -15.45 -40.22
N LEU B 16 -2.55 -14.24 -39.92
CA LEU B 16 -2.84 -13.58 -38.65
C LEU B 16 -4.34 -13.34 -38.49
N ALA B 17 -5.00 -12.92 -39.57
CA ALA B 17 -6.43 -12.68 -39.54
C ALA B 17 -7.19 -13.97 -39.27
N LYS B 18 -6.70 -15.08 -39.81
CA LYS B 18 -7.31 -16.38 -39.60
C LYS B 18 -7.18 -16.80 -38.13
N GLU B 19 -6.00 -16.60 -37.56
CA GLU B 19 -5.77 -16.96 -36.16
C GLU B 19 -6.61 -16.11 -35.22
N LEU B 20 -6.79 -14.84 -35.56
CA LEU B 20 -7.57 -13.92 -34.73
C LEU B 20 -9.06 -14.20 -34.76
N GLU B 21 -9.48 -15.10 -35.64
CA GLU B 21 -10.87 -15.52 -35.67
C GLU B 21 -11.21 -16.28 -34.39
N ASP B 22 -10.17 -16.77 -33.71
CA ASP B 22 -10.34 -17.52 -32.47
C ASP B 22 -10.29 -16.64 -31.22
N VAL B 23 -10.37 -15.32 -31.40
CA VAL B 23 -10.18 -14.41 -30.27
C VAL B 23 -11.25 -14.55 -29.18
N ASN B 24 -12.42 -15.08 -29.53
CA ASN B 24 -13.48 -15.28 -28.54
C ASN B 24 -13.44 -16.66 -27.91
N LYS B 25 -12.42 -17.44 -28.22
CA LYS B 25 -12.34 -18.82 -27.73
C LYS B 25 -11.21 -19.04 -26.73
N TRP B 26 -11.49 -19.85 -25.72
CA TRP B 26 -10.46 -20.29 -24.77
C TRP B 26 -9.44 -21.12 -25.54
N GLY B 27 -8.16 -20.82 -25.38
CA GLY B 27 -7.14 -21.62 -26.04
C GLY B 27 -6.65 -21.04 -27.35
N LEU B 28 -6.90 -19.76 -27.55
CA LEU B 28 -6.32 -19.03 -28.68
C LEU B 28 -4.82 -19.30 -28.74
N HIS B 29 -4.27 -19.52 -29.93
CA HIS B 29 -2.83 -19.77 -29.97
C HIS B 29 -2.05 -18.46 -29.95
N VAL B 30 -1.81 -17.97 -28.74
CA VAL B 30 -1.23 -16.66 -28.54
C VAL B 30 0.24 -16.58 -28.98
N PHE B 31 0.93 -17.72 -28.94
CA PHE B 31 2.33 -17.76 -29.37
C PHE B 31 2.43 -17.58 -30.89
N ARG B 32 1.52 -18.22 -31.62
CA ARG B 32 1.41 -18.01 -33.06
C ARG B 32 1.12 -16.55 -33.40
N ILE B 33 0.15 -15.97 -32.69
CA ILE B 33 -0.17 -14.56 -32.88
C ILE B 33 1.03 -13.64 -32.61
N ALA B 34 1.83 -13.99 -31.61
CA ALA B 34 3.06 -13.25 -31.32
C ALA B 34 4.04 -13.30 -32.48
N GLU B 35 4.27 -14.49 -33.03
CA GLU B 35 5.15 -14.66 -34.18
C GLU B 35 4.65 -13.89 -35.39
N LEU B 36 3.40 -14.11 -35.75
CA LEU B 36 2.79 -13.53 -36.95
C LEU B 36 2.68 -12.01 -36.91
N SER B 37 2.60 -11.44 -35.71
CA SER B 37 2.41 -10.01 -35.56
C SER B 37 3.72 -9.26 -35.38
N GLY B 38 4.84 -9.99 -35.51
CA GLY B 38 6.14 -9.37 -35.33
C GLY B 38 6.37 -9.01 -33.88
N ASN B 39 5.94 -9.90 -33.00
CA ASN B 39 6.08 -9.72 -31.55
C ASN B 39 5.24 -8.55 -31.03
N ARG B 40 4.02 -8.45 -31.53
CA ARG B 40 3.08 -7.44 -31.07
C ARG B 40 1.75 -8.06 -30.66
N PRO B 41 1.79 -9.19 -29.92
CA PRO B 41 0.52 -9.85 -29.59
C PRO B 41 -0.38 -9.00 -28.72
N LEU B 42 0.19 -8.19 -27.83
CA LEU B 42 -0.63 -7.38 -26.96
C LEU B 42 -1.37 -6.30 -27.74
N THR B 43 -0.65 -5.64 -28.67
CA THR B 43 -1.24 -4.59 -29.47
C THR B 43 -2.34 -5.15 -30.38
N VAL B 44 -2.06 -6.24 -31.07
CA VAL B 44 -3.05 -6.81 -31.99
C VAL B 44 -4.27 -7.38 -31.27
N ILE B 45 -4.04 -8.08 -30.15
CA ILE B 45 -5.15 -8.66 -29.43
C ILE B 45 -6.02 -7.60 -28.75
N MET B 46 -5.40 -6.60 -28.13
CA MET B 46 -6.14 -5.50 -27.56
C MET B 46 -6.94 -4.74 -28.63
N HIS B 47 -6.31 -4.48 -29.77
CA HIS B 47 -7.01 -3.78 -30.84
C HIS B 47 -8.21 -4.59 -31.31
N THR B 48 -8.02 -5.88 -31.54
CA THR B 48 -9.09 -6.76 -31.98
C THR B 48 -10.24 -6.78 -30.99
N ILE B 49 -9.91 -6.88 -29.71
CA ILE B 49 -10.93 -6.94 -28.67
C ILE B 49 -11.69 -5.62 -28.54
N PHE B 50 -10.98 -4.50 -28.66
CA PHE B 50 -11.63 -3.20 -28.60
C PHE B 50 -12.61 -3.00 -29.76
N GLN B 51 -12.22 -3.46 -30.95
CA GLN B 51 -13.13 -3.42 -32.10
C GLN B 51 -14.32 -4.37 -31.87
N GLU B 52 -14.03 -5.59 -31.46
CA GLU B 52 -15.06 -6.59 -31.23
C GLU B 52 -16.12 -6.15 -30.22
N ARG B 53 -15.69 -5.45 -29.18
CA ARG B 53 -16.59 -5.01 -28.14
C ARG B 53 -17.08 -3.59 -28.39
N ASP B 54 -16.72 -3.03 -29.54
CA ASP B 54 -17.14 -1.68 -29.95
C ASP B 54 -16.71 -0.61 -28.95
N LEU B 55 -15.58 -0.82 -28.30
CA LEU B 55 -15.14 0.09 -27.24
C LEU B 55 -14.66 1.43 -27.76
N LEU B 56 -14.09 1.46 -28.96
CA LEU B 56 -13.63 2.72 -29.54
C LEU B 56 -14.80 3.68 -29.74
N LYS B 57 -15.88 3.17 -30.30
CA LYS B 57 -17.08 3.97 -30.50
C LYS B 57 -17.68 4.40 -29.17
N THR B 58 -17.86 3.45 -28.26
CA THR B 58 -18.55 3.71 -27.01
C THR B 58 -17.85 4.79 -26.19
N PHE B 59 -16.52 4.77 -26.19
CA PHE B 59 -15.75 5.69 -25.36
C PHE B 59 -15.00 6.74 -26.16
N LYS B 60 -15.33 6.84 -27.45
CA LYS B 60 -14.76 7.86 -28.31
C LYS B 60 -13.24 7.82 -28.31
N ILE B 61 -12.69 6.61 -28.39
CA ILE B 61 -11.25 6.44 -28.41
C ILE B 61 -10.73 6.48 -29.84
N PRO B 62 -9.92 7.50 -30.16
CA PRO B 62 -9.27 7.58 -31.48
C PRO B 62 -8.39 6.36 -31.71
N VAL B 63 -8.56 5.71 -32.86
CA VAL B 63 -7.80 4.49 -33.15
C VAL B 63 -6.30 4.71 -33.11
N ASP B 64 -5.85 5.87 -33.58
CA ASP B 64 -4.43 6.18 -33.58
C ASP B 64 -3.88 6.30 -32.15
N THR B 65 -4.70 6.87 -31.27
CA THR B 65 -4.32 7.01 -29.86
C THR B 65 -4.26 5.63 -29.21
N LEU B 66 -5.24 4.79 -29.50
CA LEU B 66 -5.23 3.43 -28.96
C LEU B 66 -3.98 2.66 -29.39
N ILE B 67 -3.66 2.69 -30.68
CA ILE B 67 -2.49 1.97 -31.15
C ILE B 67 -1.20 2.55 -30.59
N THR B 68 -1.13 3.88 -30.48
CA THR B 68 0.06 4.52 -29.92
C THR B 68 0.26 4.07 -28.48
N TYR B 69 -0.79 4.11 -27.68
CA TYR B 69 -0.69 3.66 -26.28
C TYR B 69 -0.30 2.19 -26.18
N LEU B 70 -0.97 1.34 -26.96
CA LEU B 70 -0.70 -0.11 -26.89
C LEU B 70 0.73 -0.45 -27.27
N MET B 71 1.27 0.23 -28.27
CA MET B 71 2.63 -0.06 -28.69
CA MET B 71 2.63 -0.03 -28.70
C MET B 71 3.63 0.36 -27.62
N THR B 72 3.38 1.49 -26.98
CA THR B 72 4.27 1.94 -25.91
C THR B 72 4.14 1.06 -24.66
N LEU B 73 2.91 0.68 -24.32
CA LEU B 73 2.68 -0.28 -23.24
C LEU B 73 3.42 -1.59 -23.52
N GLU B 74 3.25 -2.12 -24.73
CA GLU B 74 3.89 -3.36 -25.10
C GLU B 74 5.41 -3.23 -25.03
N ASP B 75 5.91 -2.07 -25.44
CA ASP B 75 7.35 -1.77 -25.35
C ASP B 75 7.86 -1.83 -23.91
N HIS B 76 6.97 -1.64 -22.94
CA HIS B 76 7.38 -1.59 -21.56
C HIS B 76 7.27 -2.94 -20.84
N TYR B 77 6.88 -3.97 -21.58
CA TYR B 77 7.11 -5.34 -21.15
C TYR B 77 8.49 -5.76 -21.67
N HIS B 78 9.25 -6.47 -20.83
CA HIS B 78 10.64 -6.78 -21.14
C HIS B 78 10.77 -8.02 -22.03
N ALA B 79 11.46 -7.86 -23.15
CA ALA B 79 11.70 -8.97 -24.06
C ALA B 79 12.53 -10.08 -23.43
N ASP B 80 13.45 -9.71 -22.53
CA ASP B 80 14.38 -10.68 -21.96
C ASP B 80 13.84 -11.43 -20.75
N VAL B 81 12.59 -11.16 -20.38
CA VAL B 81 11.95 -11.88 -19.28
C VAL B 81 11.09 -12.99 -19.88
N ALA B 82 11.37 -14.23 -19.47
CA ALA B 82 10.84 -15.40 -20.18
C ALA B 82 9.34 -15.57 -20.07
N TYR B 83 8.78 -15.27 -18.89
CA TYR B 83 7.35 -15.47 -18.70
C TYR B 83 6.59 -14.15 -18.62
N HIS B 84 7.02 -13.26 -17.74
CA HIS B 84 6.29 -12.02 -17.51
C HIS B 84 6.56 -10.95 -18.54
N ASN B 85 6.13 -11.23 -19.76
CA ASN B 85 6.35 -10.37 -20.90
C ASN B 85 5.03 -10.06 -21.62
N ASN B 86 5.15 -9.46 -22.81
CA ASN B 86 3.97 -9.02 -23.54
C ASN B 86 3.07 -10.16 -23.99
N ILE B 87 3.63 -11.35 -24.17
CA ILE B 87 2.83 -12.50 -24.54
C ILE B 87 1.92 -12.88 -23.38
N HIS B 88 2.47 -12.88 -22.17
CA HIS B 88 1.66 -13.16 -20.98
C HIS B 88 0.56 -12.12 -20.83
N ALA B 89 0.91 -10.84 -21.01
CA ALA B 89 -0.10 -9.81 -20.92
C ALA B 89 -1.22 -10.02 -21.94
N ALA B 90 -0.84 -10.34 -23.18
CA ALA B 90 -1.83 -10.56 -24.23
C ALA B 90 -2.73 -11.75 -23.88
N ASP B 91 -2.14 -12.79 -23.30
CA ASP B 91 -2.87 -13.98 -22.88
C ASP B 91 -3.88 -13.64 -21.78
N VAL B 92 -3.46 -12.85 -20.80
CA VAL B 92 -4.37 -12.51 -19.72
C VAL B 92 -5.52 -11.61 -20.23
N VAL B 93 -5.18 -10.64 -21.09
CA VAL B 93 -6.22 -9.84 -21.75
C VAL B 93 -7.25 -10.71 -22.48
N GLN B 94 -6.77 -11.64 -23.30
CA GLN B 94 -7.69 -12.45 -24.09
C GLN B 94 -8.52 -13.39 -23.22
N SER B 95 -7.89 -13.94 -22.19
CA SER B 95 -8.59 -14.82 -21.26
C SER B 95 -9.67 -14.06 -20.48
N THR B 96 -9.33 -12.86 -20.02
CA THR B 96 -10.33 -12.01 -19.39
C THR B 96 -11.49 -11.71 -20.33
N HIS B 97 -11.15 -11.40 -21.57
CA HIS B 97 -12.16 -11.16 -22.61
C HIS B 97 -13.13 -12.33 -22.76
N VAL B 98 -12.62 -13.56 -22.73
CA VAL B 98 -13.49 -14.72 -22.77
C VAL B 98 -14.34 -14.84 -21.50
N LEU B 99 -13.73 -14.68 -20.34
CA LEU B 99 -14.48 -14.80 -19.08
C LEU B 99 -15.59 -13.76 -18.94
N LEU B 100 -15.34 -12.56 -19.46
CA LEU B 100 -16.34 -11.51 -19.39
C LEU B 100 -17.63 -11.90 -20.08
N SER B 101 -17.52 -12.78 -21.08
CA SER B 101 -18.66 -13.16 -21.90
C SER B 101 -19.34 -14.43 -21.42
N THR B 102 -18.98 -14.89 -20.24
CA THR B 102 -19.58 -16.11 -19.68
C THR B 102 -21.09 -15.91 -19.51
N PRO B 103 -21.90 -16.89 -19.93
CA PRO B 103 -23.37 -16.72 -19.86
C PRO B 103 -23.89 -16.26 -18.49
N ALA B 104 -23.29 -16.73 -17.40
CA ALA B 104 -23.74 -16.39 -16.04
C ALA B 104 -23.60 -14.91 -15.73
N LEU B 105 -22.83 -14.20 -16.54
CA LEU B 105 -22.55 -12.79 -16.27
C LEU B 105 -23.17 -11.89 -17.33
N GLU B 106 -24.02 -12.45 -18.19
CA GLU B 106 -24.57 -11.70 -19.32
C GLU B 106 -25.32 -10.45 -18.88
N ALA B 107 -24.95 -9.32 -19.46
CA ALA B 107 -25.58 -8.03 -19.17
C ALA B 107 -25.38 -7.57 -17.72
N VAL B 108 -24.44 -8.19 -17.00
CA VAL B 108 -24.21 -7.80 -15.62
C VAL B 108 -23.34 -6.54 -15.53
N PHE B 109 -22.26 -6.51 -16.30
CA PHE B 109 -21.30 -5.42 -16.19
C PHE B 109 -21.53 -4.30 -17.19
N THR B 110 -21.27 -3.07 -16.75
CA THR B 110 -21.36 -1.91 -17.62
C THR B 110 -20.19 -1.89 -18.57
N ASP B 111 -20.30 -1.13 -19.65
CA ASP B 111 -19.20 -0.98 -20.59
C ASP B 111 -17.94 -0.44 -19.90
N LEU B 112 -18.12 0.45 -18.93
CA LEU B 112 -16.98 1.01 -18.21
C LEU B 112 -16.27 -0.06 -17.38
N GLU B 113 -17.05 -0.95 -16.77
CA GLU B 113 -16.50 -2.06 -15.99
C GLU B 113 -15.75 -3.04 -16.88
N ILE B 114 -16.32 -3.33 -18.05
CA ILE B 114 -15.65 -4.15 -19.06
C ILE B 114 -14.31 -3.52 -19.50
N LEU B 115 -14.35 -2.24 -19.82
CA LEU B 115 -13.14 -1.51 -20.17
C LEU B 115 -12.09 -1.60 -19.06
N ALA B 116 -12.52 -1.43 -17.82
CA ALA B 116 -11.60 -1.47 -16.68
C ALA B 116 -10.93 -2.85 -16.57
N ALA B 117 -11.71 -3.93 -16.66
CA ALA B 117 -11.15 -5.27 -16.54
C ALA B 117 -10.15 -5.59 -17.65
N ILE B 118 -10.47 -5.19 -18.89
CA ILE B 118 -9.56 -5.44 -19.99
C ILE B 118 -8.30 -4.59 -19.88
N PHE B 119 -8.45 -3.30 -19.56
CA PHE B 119 -7.30 -2.43 -19.38
C PHE B 119 -6.40 -2.93 -18.23
N ALA B 120 -7.03 -3.29 -17.12
CA ALA B 120 -6.29 -3.85 -15.98
C ALA B 120 -5.47 -5.05 -16.43
N SER B 121 -6.10 -5.94 -17.19
CA SER B 121 -5.41 -7.11 -17.69
C SER B 121 -4.20 -6.74 -18.53
N ALA B 122 -4.37 -5.72 -19.37
CA ALA B 122 -3.28 -5.34 -20.26
C ALA B 122 -2.06 -4.78 -19.53
N ILE B 123 -2.30 -4.04 -18.45
CA ILE B 123 -1.19 -3.39 -17.77
C ILE B 123 -0.69 -4.17 -16.57
N HIS B 124 -1.33 -5.30 -16.26
CA HIS B 124 -1.19 -5.88 -14.91
C HIS B 124 0.22 -6.36 -14.52
N ASP B 125 1.09 -6.61 -15.49
CA ASP B 125 2.46 -7.01 -15.22
C ASP B 125 3.50 -6.11 -15.92
N VAL B 126 3.11 -4.89 -16.31
CA VAL B 126 4.03 -4.07 -17.12
C VAL B 126 5.33 -3.72 -16.37
N ASP B 127 6.45 -3.75 -17.09
CA ASP B 127 7.77 -3.49 -16.51
C ASP B 127 8.18 -4.51 -15.43
N HIS B 128 7.63 -5.71 -15.51
CA HIS B 128 8.02 -6.78 -14.60
C HIS B 128 9.49 -7.13 -14.81
N PRO B 129 10.28 -7.18 -13.74
CA PRO B 129 11.72 -7.47 -13.85
C PRO B 129 12.07 -8.95 -13.90
N GLY B 130 11.07 -9.83 -13.75
CA GLY B 130 11.35 -11.26 -13.80
C GLY B 130 11.79 -11.85 -12.48
N VAL B 131 11.59 -11.10 -11.38
CA VAL B 131 11.83 -11.64 -10.07
C VAL B 131 10.63 -11.33 -9.18
N SER B 132 10.50 -12.08 -8.09
CA SER B 132 9.32 -11.99 -7.22
C SER B 132 9.38 -10.80 -6.28
N ASN B 133 8.21 -10.48 -5.71
CA ASN B 133 8.15 -9.52 -4.63
C ASN B 133 9.10 -9.87 -3.50
N GLN B 134 9.10 -11.15 -3.08
CA GLN B 134 9.98 -11.54 -1.97
C GLN B 134 11.46 -11.33 -2.29
N PHE B 135 11.87 -11.65 -3.51
CA PHE B 135 13.24 -11.35 -3.94
C PHE B 135 13.52 -9.85 -3.84
N LEU B 136 12.62 -9.04 -4.35
CA LEU B 136 12.81 -7.59 -4.30
C LEU B 136 12.90 -7.08 -2.85
N ILE B 137 12.10 -7.68 -1.96
CA ILE B 137 12.14 -7.32 -0.56
C ILE B 137 13.45 -7.78 0.08
N ASN B 138 13.81 -9.03 -0.15
CA ASN B 138 15.01 -9.61 0.45
C ASN B 138 16.33 -8.99 -0.02
N THR B 139 16.33 -8.42 -1.22
CA THR B 139 17.54 -7.81 -1.75
C THR B 139 17.58 -6.30 -1.53
N ASN B 140 16.63 -5.79 -0.74
CA ASN B 140 16.60 -4.37 -0.41
C ASN B 140 16.55 -3.51 -1.67
N SER B 141 15.73 -3.93 -2.63
CA SER B 141 15.61 -3.22 -3.90
CA SER B 141 15.60 -3.23 -3.91
C SER B 141 14.99 -1.84 -3.75
N GLU B 142 15.27 -0.98 -4.72
CA GLU B 142 14.67 0.35 -4.73
C GLU B 142 13.15 0.28 -4.85
N LEU B 143 12.65 -0.73 -5.55
CA LEU B 143 11.21 -0.86 -5.71
C LEU B 143 10.57 -1.18 -4.37
N ALA B 144 11.19 -2.08 -3.61
CA ALA B 144 10.64 -2.45 -2.32
C ALA B 144 10.74 -1.29 -1.33
N LEU B 145 11.79 -0.48 -1.47
CA LEU B 145 11.94 0.73 -0.64
C LEU B 145 10.83 1.73 -0.98
N MET B 146 10.56 1.94 -2.26
CA MET B 146 9.49 2.84 -2.67
CA MET B 146 9.50 2.84 -2.66
C MET B 146 8.14 2.41 -2.11
N TYR B 147 7.87 1.11 -2.15
CA TYR B 147 6.55 0.60 -1.85
C TYR B 147 6.40 -0.07 -0.49
N ASN B 148 7.38 0.11 0.38
CA ASN B 148 7.25 -0.37 1.76
C ASN B 148 6.92 -1.84 1.86
N ASP B 149 7.54 -2.62 0.97
CA ASP B 149 7.43 -4.09 0.95
C ASP B 149 6.03 -4.63 0.69
N SER B 150 5.09 -3.79 0.26
CA SER B 150 3.68 -4.16 0.17
C SER B 150 3.20 -4.13 -1.27
N SER B 151 2.82 -5.31 -1.81
CA SER B 151 2.41 -5.43 -3.21
C SER B 151 3.35 -4.62 -4.10
N VAL B 152 4.65 -4.87 -3.95
CA VAL B 152 5.66 -4.03 -4.57
C VAL B 152 5.49 -3.98 -6.09
N LEU B 153 5.49 -5.16 -6.71
CA LEU B 153 5.34 -5.22 -8.16
C LEU B 153 4.02 -4.66 -8.64
N GLU B 154 2.95 -5.03 -7.96
CA GLU B 154 1.62 -4.70 -8.44
C GLU B 154 1.37 -3.20 -8.37
N ASN B 155 1.85 -2.56 -7.30
CA ASN B 155 1.78 -1.11 -7.24
C ASN B 155 2.55 -0.46 -8.39
N HIS B 156 3.72 -1.02 -8.70
CA HIS B 156 4.57 -0.52 -9.77
C HIS B 156 3.93 -0.72 -11.15
N HIS B 157 3.34 -1.89 -11.39
CA HIS B 157 2.67 -2.14 -12.66
C HIS B 157 1.59 -1.09 -12.92
N LEU B 158 0.80 -0.81 -11.89
CA LEU B 158 -0.24 0.22 -11.97
C LEU B 158 0.34 1.60 -12.27
N ALA B 159 1.37 1.99 -11.53
CA ALA B 159 1.94 3.33 -11.69
C ALA B 159 2.47 3.49 -13.11
N VAL B 160 3.17 2.49 -13.62
CA VAL B 160 3.70 2.55 -14.98
C VAL B 160 2.58 2.55 -16.03
N GLY B 161 1.61 1.65 -15.88
CA GLY B 161 0.50 1.57 -16.81
C GLY B 161 -0.25 2.87 -16.96
N PHE B 162 -0.50 3.54 -15.85
CA PHE B 162 -1.19 4.83 -15.86
C PHE B 162 -0.27 5.95 -16.37
N LYS B 163 0.99 5.92 -15.94
CA LYS B 163 1.97 6.93 -16.35
C LYS B 163 2.11 7.01 -17.86
N LEU B 164 2.04 5.86 -18.52
CA LEU B 164 2.18 5.80 -19.97
C LEU B 164 1.06 6.51 -20.72
N LEU B 165 -0.08 6.70 -20.06
CA LEU B 165 -1.18 7.45 -20.65
C LEU B 165 -0.79 8.91 -20.88
N GLN B 166 0.29 9.36 -20.24
CA GLN B 166 0.77 10.73 -20.36
C GLN B 166 1.66 10.99 -21.55
N GLU B 167 2.09 9.93 -22.23
CA GLU B 167 2.94 10.08 -23.40
C GLU B 167 2.15 10.71 -24.54
N GLU B 168 2.84 11.23 -25.55
CA GLU B 168 2.15 11.94 -26.63
C GLU B 168 1.14 11.06 -27.37
N ASN B 169 -0.09 11.56 -27.47
CA ASN B 169 -1.18 10.85 -28.14
C ASN B 169 -1.40 9.45 -27.57
N CYS B 170 -1.28 9.33 -26.26
CA CYS B 170 -1.46 8.04 -25.61
C CYS B 170 -2.65 8.00 -24.65
N ASP B 171 -3.33 9.13 -24.46
CA ASP B 171 -4.45 9.14 -23.52
C ASP B 171 -5.72 8.55 -24.12
N ILE B 172 -5.87 7.24 -24.01
CA ILE B 172 -7.01 6.56 -24.58
C ILE B 172 -8.31 6.89 -23.85
N PHE B 173 -8.20 7.51 -22.67
CA PHE B 173 -9.38 7.82 -21.88
C PHE B 173 -9.73 9.29 -21.96
N GLN B 174 -9.19 9.98 -22.96
CA GLN B 174 -9.30 11.43 -23.07
C GLN B 174 -10.75 11.90 -23.18
N ASN B 175 -11.63 11.06 -23.70
CA ASN B 175 -13.02 11.46 -23.88
C ASN B 175 -14.01 10.87 -22.87
N LEU B 176 -13.48 10.22 -21.84
CA LEU B 176 -14.33 9.84 -20.72
C LEU B 176 -14.65 11.06 -19.89
N THR B 177 -15.81 11.04 -19.22
CA THR B 177 -16.16 12.10 -18.28
C THR B 177 -15.24 12.01 -17.07
N LYS B 178 -15.19 13.07 -16.28
CA LYS B 178 -14.37 13.07 -15.08
C LYS B 178 -14.74 11.91 -14.17
N LYS B 179 -16.04 11.72 -13.96
CA LYS B 179 -16.53 10.65 -13.09
C LYS B 179 -16.22 9.26 -13.63
N GLN B 180 -16.27 9.11 -14.96
CA GLN B 180 -15.91 7.83 -15.57
C GLN B 180 -14.44 7.52 -15.35
N ARG B 181 -13.58 8.52 -15.56
CA ARG B 181 -12.15 8.35 -15.38
C ARG B 181 -11.82 7.97 -13.93
N GLN B 182 -12.47 8.63 -12.98
CA GLN B 182 -12.25 8.36 -11.57
C GLN B 182 -12.68 6.94 -11.23
N SER B 183 -13.84 6.53 -11.75
CA SER B 183 -14.35 5.21 -11.49
C SER B 183 -13.46 4.13 -12.11
N LEU B 184 -13.07 4.34 -13.36
CA LEU B 184 -12.19 3.40 -14.04
C LEU B 184 -10.86 3.26 -13.30
N ARG B 185 -10.30 4.38 -12.86
CA ARG B 185 -9.04 4.34 -12.16
C ARG B 185 -9.14 3.51 -10.89
N LYS B 186 -10.19 3.73 -10.10
CA LYS B 186 -10.38 2.98 -8.87
C LYS B 186 -10.52 1.49 -9.16
N MET B 187 -11.31 1.13 -10.16
CA MET B 187 -11.52 -0.27 -10.46
C MET B 187 -10.24 -0.95 -10.93
N VAL B 188 -9.48 -0.28 -11.78
CA VAL B 188 -8.24 -0.84 -12.32
C VAL B 188 -7.25 -1.09 -11.18
N ILE B 189 -7.13 -0.11 -10.28
CA ILE B 189 -6.27 -0.30 -9.11
C ILE B 189 -6.73 -1.50 -8.28
N ASP B 190 -8.02 -1.56 -7.99
CA ASP B 190 -8.55 -2.67 -7.18
C ASP B 190 -8.27 -4.01 -7.84
N ILE B 191 -8.35 -4.06 -9.17
CA ILE B 191 -8.12 -5.31 -9.89
C ILE B 191 -6.66 -5.71 -9.91
N VAL B 192 -5.77 -4.80 -10.29
CA VAL B 192 -4.35 -5.17 -10.40
C VAL B 192 -3.77 -5.51 -9.02
N LEU B 193 -4.20 -4.81 -7.97
CA LEU B 193 -3.67 -5.15 -6.65
C LEU B 193 -4.08 -6.55 -6.22
N ALA B 194 -5.24 -7.00 -6.68
CA ALA B 194 -5.72 -8.36 -6.39
C ALA B 194 -4.94 -9.46 -7.12
N THR B 195 -4.05 -9.10 -8.05
CA THR B 195 -3.21 -10.09 -8.71
C THR B 195 -1.96 -10.48 -7.91
N ASP B 196 -1.72 -9.78 -6.80
CA ASP B 196 -0.63 -10.11 -5.89
C ASP B 196 -0.92 -11.48 -5.27
N MET B 197 -0.05 -12.46 -5.48
CA MET B 197 -0.33 -13.81 -5.02
C MET B 197 -0.43 -13.92 -3.49
N SER B 198 0.17 -12.97 -2.77
CA SER B 198 0.06 -13.03 -1.32
C SER B 198 -1.38 -12.80 -0.84
N LYS B 199 -2.24 -12.30 -1.74
CA LYS B 199 -3.63 -12.05 -1.41
C LYS B 199 -4.55 -13.18 -1.86
N HIS B 200 -3.96 -14.21 -2.46
CA HIS B 200 -4.75 -15.28 -3.06
C HIS B 200 -5.67 -15.99 -2.08
N MET B 201 -5.15 -16.38 -0.93
CA MET B 201 -5.97 -17.14 0.01
C MET B 201 -7.13 -16.33 0.55
N ASN B 202 -6.89 -15.05 0.83
CA ASN B 202 -7.99 -14.19 1.26
C ASN B 202 -9.03 -13.95 0.18
N LEU B 203 -8.57 -13.70 -1.05
CA LEU B 203 -9.49 -13.58 -2.17
C LEU B 203 -10.33 -14.84 -2.31
N LEU B 204 -9.70 -16.00 -2.22
CA LEU B 204 -10.40 -17.25 -2.41
C LEU B 204 -11.41 -17.52 -1.28
N ALA B 205 -10.99 -17.26 -0.05
CA ALA B 205 -11.88 -17.48 1.10
C ALA B 205 -13.15 -16.64 0.95
N ASP B 206 -12.96 -15.40 0.49
CA ASP B 206 -14.10 -14.52 0.28
C ASP B 206 -14.94 -14.90 -0.93
N LEU B 207 -14.29 -15.37 -1.99
CA LEU B 207 -15.02 -15.83 -3.17
C LEU B 207 -15.90 -17.04 -2.83
N LYS B 208 -15.37 -17.94 -2.01
CA LYS B 208 -16.16 -19.10 -1.58
C LYS B 208 -17.43 -18.68 -0.83
N THR B 209 -17.31 -17.66 0.00
CA THR B 209 -18.45 -17.16 0.76
C THR B 209 -19.44 -16.44 -0.16
N MET B 210 -18.93 -15.73 -1.16
CA MET B 210 -19.82 -15.13 -2.16
C MET B 210 -20.62 -16.20 -2.89
N VAL B 211 -19.95 -17.29 -3.28
CA VAL B 211 -20.62 -18.37 -3.98
C VAL B 211 -21.74 -18.94 -3.11
N GLU B 212 -21.44 -19.14 -1.83
CA GLU B 212 -22.40 -19.72 -0.88
C GLU B 212 -23.71 -18.94 -0.82
N THR B 213 -23.60 -17.62 -0.93
CA THR B 213 -24.76 -16.75 -0.76
C THR B 213 -25.19 -16.05 -2.06
N LYS B 214 -24.77 -16.58 -3.20
CA LYS B 214 -25.01 -15.92 -4.48
C LYS B 214 -26.49 -15.83 -4.87
N LYS B 215 -26.84 -14.74 -5.55
CA LYS B 215 -28.20 -14.49 -6.02
C LYS B 215 -28.22 -14.50 -7.55
N VAL B 216 -29.25 -15.13 -8.12
CA VAL B 216 -29.38 -15.17 -9.58
C VAL B 216 -30.76 -14.75 -10.04
N THR B 217 -30.85 -14.24 -11.27
CA THR B 217 -32.15 -13.90 -11.86
C THR B 217 -32.82 -15.17 -12.37
N SER B 218 -34.00 -15.03 -12.96
CA SER B 218 -34.71 -16.17 -13.54
C SER B 218 -33.88 -16.81 -14.64
N SER B 219 -33.28 -15.98 -15.48
CA SER B 219 -32.45 -16.46 -16.59
C SER B 219 -31.13 -17.05 -16.11
N GLY B 220 -30.92 -17.02 -14.80
CA GLY B 220 -29.74 -17.62 -14.20
C GLY B 220 -28.50 -16.75 -14.26
N VAL B 221 -28.69 -15.44 -14.46
CA VAL B 221 -27.55 -14.53 -14.41
C VAL B 221 -27.35 -14.04 -12.98
N LEU B 222 -26.09 -13.84 -12.61
CA LEU B 222 -25.76 -13.39 -11.27
C LEU B 222 -26.26 -11.98 -10.99
N LEU B 223 -26.71 -11.76 -9.76
CA LEU B 223 -27.11 -10.44 -9.29
C LEU B 223 -26.03 -9.84 -8.41
N LEU B 224 -25.38 -8.79 -8.90
CA LEU B 224 -24.35 -8.08 -8.15
C LEU B 224 -24.79 -6.63 -7.95
N ASP B 225 -25.32 -6.33 -6.77
CA ASP B 225 -26.06 -5.08 -6.57
C ASP B 225 -25.30 -3.96 -5.84
N ASN B 226 -24.01 -4.17 -5.61
CA ASN B 226 -23.17 -3.11 -5.05
C ASN B 226 -21.74 -3.19 -5.56
N TYR B 227 -20.95 -2.13 -5.34
CA TYR B 227 -19.58 -2.09 -5.83
C TYR B 227 -18.74 -3.23 -5.29
N SER B 228 -18.89 -3.53 -3.99
CA SER B 228 -18.08 -4.56 -3.36
C SER B 228 -18.24 -5.91 -4.07
N ASP B 229 -19.48 -6.29 -4.36
CA ASP B 229 -19.73 -7.56 -5.03
C ASP B 229 -19.24 -7.54 -6.48
N ARG B 230 -19.47 -6.42 -7.16
CA ARG B 230 -19.07 -6.29 -8.55
C ARG B 230 -17.55 -6.33 -8.68
N ILE B 231 -16.85 -5.55 -7.88
CA ILE B 231 -15.40 -5.52 -7.99
C ILE B 231 -14.79 -6.85 -7.55
N GLN B 232 -15.42 -7.51 -6.58
CA GLN B 232 -14.96 -8.81 -6.14
C GLN B 232 -14.95 -9.82 -7.29
N VAL B 233 -16.03 -9.81 -8.08
CA VAL B 233 -16.10 -10.71 -9.23
C VAL B 233 -15.04 -10.36 -10.27
N LEU B 234 -14.84 -9.06 -10.54
CA LEU B 234 -13.83 -8.65 -11.51
C LEU B 234 -12.41 -9.00 -11.04
N GLN B 235 -12.14 -8.81 -9.75
CA GLN B 235 -10.84 -9.17 -9.17
C GLN B 235 -10.57 -10.64 -9.36
N ASN B 236 -11.54 -11.47 -9.01
CA ASN B 236 -11.33 -12.90 -9.11
C ASN B 236 -11.27 -13.36 -10.57
N MET B 237 -12.02 -12.68 -11.43
CA MET B 237 -11.99 -13.00 -12.84
C MET B 237 -10.59 -12.79 -13.43
N VAL B 238 -10.00 -11.63 -13.17
CA VAL B 238 -8.67 -11.37 -13.70
C VAL B 238 -7.60 -12.25 -13.02
N HIS B 239 -7.80 -12.56 -11.74
CA HIS B 239 -6.91 -13.48 -11.04
C HIS B 239 -6.96 -14.88 -11.68
N CYS B 240 -8.16 -15.34 -12.01
CA CYS B 240 -8.34 -16.60 -12.73
C CYS B 240 -7.65 -16.55 -14.08
N ALA B 241 -7.82 -15.45 -14.80
CA ALA B 241 -7.13 -15.30 -16.09
C ALA B 241 -5.61 -15.35 -15.93
N ASP B 242 -5.10 -14.71 -14.88
CA ASP B 242 -3.68 -14.68 -14.61
C ASP B 242 -3.18 -16.11 -14.31
N LEU B 243 -4.03 -16.89 -13.66
CA LEU B 243 -3.71 -18.28 -13.29
C LEU B 243 -4.41 -19.29 -14.21
N SER B 244 -4.48 -18.96 -15.50
CA SER B 244 -5.23 -19.80 -16.43
C SER B 244 -4.35 -20.75 -17.23
N ASN B 245 -3.03 -20.63 -17.17
CA ASN B 245 -2.19 -21.49 -18.02
C ASN B 245 -2.52 -22.99 -17.93
N PRO B 246 -2.68 -23.54 -16.71
CA PRO B 246 -2.90 -25.00 -16.64
C PRO B 246 -4.30 -25.43 -17.13
N THR B 247 -5.16 -24.46 -17.43
CA THR B 247 -6.50 -24.76 -17.97
C THR B 247 -6.53 -24.73 -19.50
N LYS B 248 -5.39 -24.45 -20.12
CA LYS B 248 -5.31 -24.33 -21.57
C LYS B 248 -4.91 -25.66 -22.20
N PRO B 249 -5.12 -25.80 -23.53
CA PRO B 249 -4.65 -26.99 -24.24
C PRO B 249 -3.20 -27.30 -23.86
N LEU B 250 -2.91 -28.59 -23.69
CA LEU B 250 -1.64 -29.03 -23.14
C LEU B 250 -0.43 -28.46 -23.86
N GLN B 251 -0.52 -28.31 -25.18
CA GLN B 251 0.59 -27.77 -25.95
C GLN B 251 0.94 -26.35 -25.53
N LEU B 252 -0.08 -25.55 -25.20
CA LEU B 252 0.12 -24.17 -24.76
C LEU B 252 0.63 -24.16 -23.31
N TYR B 253 -0.03 -24.94 -22.47
CA TYR B 253 0.35 -25.04 -21.06
C TYR B 253 1.81 -25.43 -20.92
N ARG B 254 2.26 -26.42 -21.69
CA ARG B 254 3.64 -26.87 -21.61
CA ARG B 254 3.65 -26.87 -21.60
C ARG B 254 4.62 -25.73 -21.92
N GLN B 255 4.28 -24.90 -22.89
CA GLN B 255 5.12 -23.76 -23.26
CA GLN B 255 5.11 -23.75 -23.27
C GLN B 255 5.16 -22.72 -22.14
N TRP B 256 4.01 -22.48 -21.50
CA TRP B 256 4.00 -21.53 -20.38
C TRP B 256 4.86 -22.04 -19.24
N THR B 257 4.81 -23.35 -19.01
CA THR B 257 5.58 -23.95 -17.94
C THR B 257 7.09 -23.83 -18.20
N ASP B 258 7.49 -24.06 -19.44
CA ASP B 258 8.90 -23.88 -19.81
C ASP B 258 9.36 -22.46 -19.50
N ARG B 259 8.50 -21.48 -19.83
CA ARG B 259 8.86 -20.10 -19.63
C ARG B 259 8.95 -19.71 -18.15
N ILE B 260 8.00 -20.13 -17.34
CA ILE B 260 8.05 -19.74 -15.93
C ILE B 260 9.24 -20.39 -15.25
N MET B 261 9.57 -21.62 -15.61
CA MET B 261 10.72 -22.28 -15.01
C MET B 261 12.02 -21.60 -15.40
N GLU B 262 12.12 -21.17 -16.65
CA GLU B 262 13.28 -20.41 -17.10
C GLU B 262 13.45 -19.14 -16.26
N GLU B 263 12.33 -18.46 -16.02
CA GLU B 263 12.37 -17.22 -15.27
C GLU B 263 12.75 -17.49 -13.81
N PHE B 264 12.12 -18.49 -13.21
CA PHE B 264 12.43 -18.87 -11.84
C PHE B 264 13.91 -19.27 -11.68
N PHE B 265 14.43 -20.05 -12.62
CA PHE B 265 15.80 -20.52 -12.49
C PHE B 265 16.78 -19.36 -12.58
N ARG B 266 16.43 -18.35 -13.38
CA ARG B 266 17.28 -17.17 -13.46
C ARG B 266 17.28 -16.39 -12.16
N GLN B 267 16.14 -16.36 -11.47
CA GLN B 267 16.09 -15.73 -10.15
C GLN B 267 16.94 -16.53 -9.17
N GLY B 268 16.83 -17.86 -9.25
CA GLY B 268 17.58 -18.73 -8.36
C GLY B 268 19.06 -18.59 -8.57
N ASP B 269 19.46 -18.31 -9.81
CA ASP B 269 20.88 -18.11 -10.13
C ASP B 269 21.36 -16.84 -9.47
N ARG B 270 20.51 -15.82 -9.44
CA ARG B 270 20.88 -14.55 -8.80
C ARG B 270 20.98 -14.73 -7.29
N GLU B 271 20.06 -15.51 -6.73
CA GLU B 271 20.08 -15.85 -5.32
C GLU B 271 21.36 -16.60 -4.95
N ARG B 272 21.70 -17.61 -5.74
CA ARG B 272 22.90 -18.41 -5.48
C ARG B 272 24.17 -17.55 -5.55
N GLU B 273 24.24 -16.66 -6.53
CA GLU B 273 25.38 -15.76 -6.66
C GLU B 273 25.52 -14.87 -5.42
N ARG B 274 24.39 -14.45 -4.86
CA ARG B 274 24.36 -13.54 -3.72
C ARG B 274 24.53 -14.28 -2.40
N GLY B 275 24.64 -15.60 -2.46
CA GLY B 275 24.78 -16.41 -1.26
C GLY B 275 23.47 -16.58 -0.50
N MET B 276 22.35 -16.27 -1.14
CA MET B 276 21.06 -16.38 -0.50
C MET B 276 20.54 -17.81 -0.59
N GLU B 277 19.63 -18.17 0.31
CA GLU B 277 18.90 -19.42 0.16
C GLU B 277 18.09 -19.33 -1.13
N ILE B 278 18.15 -20.37 -1.94
CA ILE B 278 17.43 -20.35 -3.21
C ILE B 278 15.95 -20.62 -2.97
N SER B 279 15.11 -19.74 -3.52
CA SER B 279 13.66 -19.84 -3.34
C SER B 279 13.11 -21.15 -3.89
N PRO B 280 12.02 -21.64 -3.30
CA PRO B 280 11.38 -22.87 -3.80
C PRO B 280 11.15 -22.82 -5.30
N MET B 281 11.55 -23.89 -6.00
CA MET B 281 11.34 -24.03 -7.44
C MET B 281 12.27 -23.17 -8.29
N CYS B 282 13.26 -22.55 -7.66
CA CYS B 282 14.16 -21.68 -8.40
C CYS B 282 15.56 -22.27 -8.55
N ASP B 283 15.78 -23.49 -8.06
CA ASP B 283 17.08 -24.15 -8.18
C ASP B 283 17.06 -25.11 -9.36
N LYS B 284 17.74 -24.72 -10.45
CA LYS B 284 17.77 -25.51 -11.68
C LYS B 284 18.38 -26.90 -11.46
N HIS B 285 19.14 -27.06 -10.39
CA HIS B 285 19.83 -28.31 -10.11
C HIS B 285 18.98 -29.28 -9.30
N ASN B 286 18.00 -28.75 -8.58
CA ASN B 286 17.19 -29.56 -7.67
C ASN B 286 15.71 -29.21 -7.73
N ALA B 287 15.13 -29.30 -8.91
CA ALA B 287 13.71 -28.99 -9.05
C ALA B 287 13.02 -30.04 -9.89
N SER B 288 11.78 -30.41 -9.52
CA SER B 288 10.97 -31.25 -10.38
C SER B 288 9.85 -30.43 -10.98
N VAL B 289 9.90 -30.26 -12.29
CA VAL B 289 8.89 -29.50 -13.01
C VAL B 289 7.51 -30.12 -12.83
N GLU B 290 7.43 -31.44 -13.01
CA GLU B 290 6.18 -32.15 -12.89
C GLU B 290 5.60 -32.06 -11.49
N LYS B 291 6.44 -32.30 -10.48
CA LYS B 291 5.98 -32.22 -9.10
C LYS B 291 5.48 -30.81 -8.80
N SER B 292 6.21 -29.82 -9.28
CA SER B 292 5.85 -28.44 -9.01
CA SER B 292 5.85 -28.43 -9.01
C SER B 292 4.54 -28.03 -9.69
N GLN B 293 4.32 -28.49 -10.93
CA GLN B 293 3.04 -28.21 -11.59
C GLN B 293 1.86 -28.91 -10.90
N VAL B 294 2.04 -30.16 -10.51
CA VAL B 294 0.95 -30.85 -9.83
C VAL B 294 0.63 -30.14 -8.51
N GLY B 295 1.67 -29.68 -7.81
CA GLY B 295 1.47 -28.92 -6.60
C GLY B 295 0.76 -27.59 -6.86
N PHE B 296 1.17 -26.88 -7.90
CA PHE B 296 0.55 -25.59 -8.29
C PHE B 296 -0.93 -25.81 -8.57
N ILE B 297 -1.25 -26.85 -9.32
CA ILE B 297 -2.66 -27.15 -9.61
C ILE B 297 -3.42 -27.55 -8.34
N ASP B 298 -2.86 -28.47 -7.56
CA ASP B 298 -3.59 -28.98 -6.41
C ASP B 298 -3.84 -27.93 -5.33
N TYR B 299 -2.87 -27.06 -5.11
CA TYR B 299 -2.94 -26.14 -3.98
C TYR B 299 -3.40 -24.72 -4.34
N ILE B 300 -3.28 -24.34 -5.60
CA ILE B 300 -3.64 -22.98 -6.01
C ILE B 300 -4.66 -22.95 -7.14
N VAL B 301 -4.30 -23.54 -8.27
CA VAL B 301 -5.09 -23.31 -9.48
C VAL B 301 -6.43 -24.04 -9.47
N HIS B 302 -6.44 -25.30 -9.08
CA HIS B 302 -7.71 -26.02 -9.03
C HIS B 302 -8.65 -25.48 -7.93
N PRO B 303 -8.13 -25.19 -6.73
CA PRO B 303 -9.06 -24.63 -5.75
C PRO B 303 -9.71 -23.33 -6.22
N LEU B 304 -8.95 -22.49 -6.89
CA LEU B 304 -9.50 -21.27 -7.46
C LEU B 304 -10.52 -21.55 -8.58
N TRP B 305 -10.11 -22.34 -9.56
CA TRP B 305 -10.99 -22.58 -10.70
C TRP B 305 -12.26 -23.37 -10.35
N GLU B 306 -12.18 -24.28 -9.37
CA GLU B 306 -13.39 -24.99 -8.98
C GLU B 306 -14.37 -24.03 -8.33
N THR B 307 -13.86 -22.98 -7.68
CA THR B 307 -14.73 -22.01 -7.04
C THR B 307 -15.35 -21.07 -8.09
N TRP B 308 -14.53 -20.61 -9.04
CA TRP B 308 -15.06 -19.88 -10.17
C TRP B 308 -16.14 -20.71 -10.89
N ALA B 309 -15.83 -21.98 -11.10
CA ALA B 309 -16.77 -22.87 -11.80
C ALA B 309 -18.11 -22.96 -11.06
N ASP B 310 -18.05 -22.98 -9.72
CA ASP B 310 -19.25 -23.00 -8.90
CA ASP B 310 -19.25 -23.02 -8.90
C ASP B 310 -20.06 -21.73 -9.10
N LEU B 311 -19.35 -20.60 -9.12
CA LEU B 311 -20.01 -19.31 -9.28
C LEU B 311 -20.79 -19.23 -10.58
N VAL B 312 -20.21 -19.76 -11.65
CA VAL B 312 -20.81 -19.58 -12.97
C VAL B 312 -21.35 -20.89 -13.55
N HIS B 313 -21.57 -21.88 -12.69
CA HIS B 313 -21.97 -23.22 -13.15
C HIS B 313 -23.14 -23.16 -14.13
N PRO B 314 -23.04 -23.92 -15.26
CA PRO B 314 -21.98 -24.83 -15.67
C PRO B 314 -21.00 -24.22 -16.68
N ASP B 315 -20.91 -22.91 -16.74
CA ASP B 315 -20.18 -22.24 -17.82
C ASP B 315 -18.73 -22.67 -17.97
N ALA B 316 -18.08 -22.98 -16.86
CA ALA B 316 -16.66 -23.24 -16.88
C ALA B 316 -16.33 -24.72 -16.78
N GLN B 317 -17.32 -25.58 -17.01
CA GLN B 317 -17.05 -27.00 -16.88
C GLN B 317 -15.98 -27.52 -17.86
N ASP B 318 -15.97 -27.01 -19.09
CA ASP B 318 -14.96 -27.46 -20.04
C ASP B 318 -13.56 -27.02 -19.62
N ILE B 319 -13.46 -25.82 -19.05
CA ILE B 319 -12.18 -25.32 -18.57
C ILE B 319 -11.67 -26.18 -17.40
N LEU B 320 -12.56 -26.48 -16.48
CA LEU B 320 -12.23 -27.29 -15.32
C LEU B 320 -11.84 -28.71 -15.76
N ASP B 321 -12.54 -29.23 -16.76
CA ASP B 321 -12.20 -30.54 -17.32
C ASP B 321 -10.78 -30.58 -17.87
N THR B 322 -10.40 -29.55 -18.62
CA THR B 322 -9.05 -29.48 -19.18
C THR B 322 -8.01 -29.42 -18.08
N LEU B 323 -8.31 -28.62 -17.06
CA LEU B 323 -7.42 -28.48 -15.92
C LEU B 323 -7.20 -29.82 -15.25
N GLU B 324 -8.28 -30.53 -15.00
CA GLU B 324 -8.19 -31.83 -14.36
C GLU B 324 -7.44 -32.84 -15.23
N ASP B 325 -7.67 -32.76 -16.54
CA ASP B 325 -6.93 -33.61 -17.48
C ASP B 325 -5.44 -33.31 -17.44
N ASN B 326 -5.08 -32.03 -17.48
CA ASN B 326 -3.68 -31.63 -17.44
C ASN B 326 -3.00 -32.01 -16.13
N ARG B 327 -3.74 -31.97 -15.02
CA ARG B 327 -3.21 -32.42 -13.73
C ARG B 327 -2.88 -33.90 -13.77
N GLU B 328 -3.80 -34.69 -14.30
CA GLU B 328 -3.60 -36.12 -14.41
CA GLU B 328 -3.64 -36.13 -14.43
C GLU B 328 -2.43 -36.42 -15.34
N TRP B 329 -2.28 -35.61 -16.37
CA TRP B 329 -1.16 -35.74 -17.28
C TRP B 329 0.18 -35.48 -16.61
N TYR B 330 0.29 -34.38 -15.87
CA TYR B 330 1.56 -34.02 -15.22
C TYR B 330 1.95 -34.95 -14.09
N GLN B 331 0.98 -35.62 -13.48
CA GLN B 331 1.27 -36.53 -12.37
C GLN B 331 1.62 -37.92 -12.90
N SER B 332 1.38 -38.13 -14.19
CA SER B 332 1.46 -39.46 -14.79
C SER B 332 2.86 -40.07 -14.77
N THR B 333 3.89 -39.23 -14.86
CA THR B 333 5.26 -39.74 -14.87
C THR B 333 5.97 -39.65 -13.52
N ILE B 334 5.23 -39.25 -12.49
CA ILE B 334 5.77 -39.24 -11.14
C ILE B 334 5.44 -40.57 -10.45
N PRO B 335 6.48 -41.33 -10.04
CA PRO B 335 6.18 -42.60 -9.37
C PRO B 335 5.38 -42.37 -8.09
N GLN B 336 4.39 -43.24 -7.86
CA GLN B 336 3.59 -43.15 -6.65
C GLN B 336 3.15 -44.51 -6.17
N ALA B 337 2.85 -44.60 -4.88
CA ALA B 337 2.46 -45.86 -4.26
C ALA B 337 1.03 -46.22 -4.60
ZN ZN C . 1.67 13.97 12.02
MG MG D . 0.77 12.42 8.69
MG MG E . -3.87 -10.58 23.85
MG MG F . 29.20 -2.56 12.25
C1 EDO G . 5.35 -4.41 5.81
O1 EDO G . 5.97 -5.70 5.83
C2 EDO G . 3.87 -4.53 6.16
O2 EDO G . 3.71 -5.17 7.43
H11 EDO G . 5.84 -3.75 6.54
H12 EDO G . 5.46 -3.95 4.82
HO1 EDO G . 6.91 -5.60 5.61
H21 EDO G . 3.41 -3.54 6.19
H22 EDO G . 3.37 -5.12 5.39
HO2 EDO G . 2.76 -5.24 7.63
C10 DD5 H . -4.74 18.24 12.54
C13 DD5 H . -4.46 17.36 11.40
C15 DD5 H . -4.78 16.26 6.96
C17 DD5 H . -8.15 16.58 5.31
C20 DD5 H . -7.03 18.64 5.29
C21 DD5 H . -3.59 16.03 9.86
C22 DD5 H . -3.30 16.64 11.07
C01 DD5 H . -5.27 21.43 16.53
O01 DD5 H . -6.05 20.96 15.45
C02 DD5 H . -5.53 20.04 14.55
C03 DD5 H . -6.36 19.80 13.46
O02 DD5 H . -7.54 20.47 13.45
C04 DD5 H . -8.20 20.51 12.20
C05 DD5 H . -9.33 21.50 12.41
C06 DD5 H . -10.32 20.64 13.19
C07 DD5 H . -10.34 19.33 12.42
C08 DD5 H . -8.96 19.24 11.81
C09 DD5 H . -5.96 18.92 12.47
C11 DD5 H . -3.90 18.49 13.63
C12 DD5 H . -4.30 19.39 14.64
N01 DD5 H . -5.37 17.22 10.41
N02 DD5 H . -4.82 16.41 9.50
C14 DD5 H . -5.52 16.00 8.30
C16 DD5 H . -5.79 16.57 5.79
N03 DD5 H . -7.06 17.33 5.99
C18 DD5 H . -9.53 17.27 5.28
O03 DD5 H . -9.55 18.68 5.03
C19 DD5 H . -8.34 19.42 5.29
F01 DD5 H . -5.09 20.42 17.40
F02 DD5 H . -4.07 21.90 16.13
O04 DD5 H . -3.76 17.29 7.02
H01 DD5 H . -4.25 15.34 6.69
H19 DD5 H . -8.28 15.61 5.81
H20 DD5 H . -7.85 16.39 4.27
H26 DD5 H . -6.76 18.51 4.25
H25 DD5 H . -6.26 19.27 5.77
H27 DD5 H . -3.00 15.37 9.24
H28 DD5 H . -2.38 16.55 11.64
H02 DD5 H . -5.82 22.25 17.03
H03 DD5 H . -7.56 20.89 11.40
H05 DD5 H . -9.74 21.82 11.45
H04 DD5 H . -9.03 22.39 12.96
H06 DD5 H . -11.32 21.10 13.26
H07 DD5 H . -9.95 20.48 14.21
H09 DD5 H . -10.55 18.47 13.08
H08 DD5 H . -11.11 19.35 11.65
H10 DD5 H . -8.43 18.36 12.16
H11 DD5 H . -9.04 19.14 10.71
H12 DD5 H . -6.60 18.72 11.62
H13 DD5 H . -2.94 17.99 13.72
H14 DD5 H . -3.62 19.56 15.47
H16 DD5 H . -6.48 16.55 8.31
H15 DD5 H . -5.78 14.94 8.41
H18 DD5 H . -6.06 15.59 5.38
H17 DD5 H . -5.23 17.07 4.99
H22 DD5 H . -10.01 17.13 6.25
H21 DD5 H . -10.17 16.78 4.54
H24 DD5 H . -8.29 20.24 4.56
H23 DD5 H . -8.47 19.90 6.27
H29 DD5 H . -3.14 17.16 6.28
ZN ZN I . 0.46 -11.96 -14.56
MG MG J . 1.80 -10.07 -11.56
MG MG K . -8.86 -30.22 -4.81
C1 EDO L . -8.39 1.91 -5.07
O1 EDO L . -9.52 1.60 -4.24
C2 EDO L . -7.80 3.25 -4.65
O2 EDO L . -8.79 4.27 -4.73
H11 EDO L . -7.63 1.13 -4.97
H12 EDO L . -8.69 1.95 -6.11
HO1 EDO L . -9.88 0.74 -4.50
H21 EDO L . -7.43 3.18 -3.63
H22 EDO L . -6.96 3.50 -5.30
HO2 EDO L . -8.41 5.12 -4.47
C10 D5N M . 3.06 -18.85 -12.16
C11 D5N M . 2.43 -18.91 -13.42
C01 D5N M . 2.54 -22.78 -15.45
O01 D5N M . 3.05 -22.52 -14.15
C02 D5N M . 2.96 -21.25 -13.62
C03 D5N M . 3.59 -21.19 -12.38
O02 D5N M . 4.10 -22.38 -12.02
C04 D5N M . 4.50 -22.57 -10.69
C05 D5N M . 6.01 -22.53 -10.74
C06 D5N M . 6.53 -23.86 -10.27
C07 D5N M . 5.34 -24.58 -9.64
C08 D5N M . 4.09 -23.94 -10.18
C09 D5N M . 3.63 -20.01 -11.66
C12 D5N M . 2.38 -20.11 -14.15
C13 D5N M . 3.17 -17.67 -11.32
N01 D5N M . 2.90 -17.51 -9.96
N02 D5N M . 3.17 -16.26 -9.52
C14 D5N M . 2.35 -18.40 -8.93
C15 D5N M . 3.42 -19.27 -8.23
O03 D5N M . 4.68 -18.57 -8.21
C16 D5N M . 3.08 -19.62 -6.75
N03 D5N M . 3.60 -20.92 -6.23
C17 D5N M . 3.06 -21.20 -4.87
C18 D5N M . 2.90 -22.68 -4.43
O04 D5N M . 2.61 -23.61 -5.48
C19 D5N M . 3.61 -23.44 -6.49
C20 D5N M . 3.46 -22.06 -7.15
C21 D5N M . 3.65 -15.64 -10.58
C22 D5N M . 3.68 -16.44 -11.72
F01 D5N M . 3.10 -21.97 -16.36
F02 D5N M . 1.21 -22.60 -15.43
H12 D5N M . 1.96 -18.02 -13.84
H01 D5N M . 2.75 -23.82 -15.72
H02 D5N M . 4.15 -21.76 -10.04
H03 D5N M . 6.39 -22.30 -11.75
H04 D5N M . 6.38 -21.73 -10.08
H06 D5N M . 6.90 -24.44 -11.13
H05 D5N M . 7.37 -23.76 -9.56
H07 D5N M . 5.37 -24.45 -8.55
H08 D5N M . 5.36 -25.65 -9.84
H10 D5N M . 3.31 -23.87 -9.41
H09 D5N M . 3.67 -24.54 -10.99
H11 D5N M . 4.12 -19.97 -10.68
H13 D5N M . 1.89 -20.11 -15.12
H27 D5N M . 1.81 -17.78 -8.20
H26 D5N M . 1.62 -19.03 -9.45
H14 D5N M . 3.57 -20.19 -8.81
H15 D5N M . 5.18 -18.87 -9.00
H16 D5N M . 3.41 -18.80 -6.09
H17 D5N M . 1.98 -19.63 -6.69
H19 D5N M . 3.72 -20.73 -4.13
H18 D5N M . 2.08 -20.71 -4.78
H21 D5N M . 2.06 -22.74 -3.72
H20 D5N M . 3.78 -23.02 -3.90
H22 D5N M . 3.46 -24.23 -7.24
H23 D5N M . 4.60 -23.57 -6.06
H25 D5N M . 4.21 -21.98 -7.96
H24 D5N M . 2.47 -22.01 -7.64
H28 D5N M . 3.95 -14.60 -10.49
H29 D5N M . 4.02 -16.18 -12.72
#